data_6YHK
#
_entry.id   6YHK
#
_cell.length_a   70.153
_cell.length_b   180.416
_cell.length_c   220.761
_cell.angle_alpha   90.000
_cell.angle_beta   90.000
_cell.angle_gamma   90.000
#
_symmetry.space_group_name_H-M   'I 21 21 21'
#
loop_
_entity.id
_entity.type
_entity.pdbx_description
1 polymer 'Cytotoxic necrotizing factor'
2 non-polymer 'SULFATE ION'
3 non-polymer 'CHLORIDE ION'
4 water water
#
_entity_poly.entity_id   1
_entity_poly.type   'polypeptide(L)'
_entity_poly.pdbx_seq_one_letter_code
;GGGRMKNQWQHQYFLSYSELVANFPSPEKVVSDYIKHKFSTTLPWFGWADPDNLYFIRFTQSRSNNKSYTGWDHLGKYAI
ETLTLTQAAIVNIGSRFDIFDEANSTAGIYKTNNADSFDETNEAKMLPSEYLYFLRDCDFSNLYNKALSDYWAENYEKFS
TLLQNYYISSAYYLYKDSAISKDEYEFSIDAIFNKKNKILRYYFDVYGYYSSDMFVAMNDNKTMLFIPGATNPFIFADNI
TDLRDKIKALISDKNTRELFSKHFSLYDRQDGNTYLGVNSMLEQIVSGVVDTNYIMYSNKNIRERNVFESMAFSTRERSF
NDGDVIIKSNAEVQRDYALNVLQTILSLSPIFDIVLPEVSIPISLGITASSVGISFDELINGDTYEERRSAIPGLATNAV
LLGISFAIPFLISKAEENKLIINNLVGSDENILNKNNLGDFLEKYNISESDIPENGSLVINLKNTNVPVRLVKLNDEEGE
IVAIKGSTLSGIYYEVDTETGYEILSRRVFRTEYNEKIYWTRGGGLKGGQPFNFEGLDIPVYFIDKPYSELASSVELSFV
NDDSPLLFPEMDSRLPKPTPELDIKYYSSNLSSFKEDTVILMRGTTEEEAWNIANYKTAGGSNKDLEENFIEAGPQFNLS
FSEYTSSINSADTASRKHFLVIIKVQVKYISNDNVLYANHWAIPDEAPVEVLAVVDRRFIFPEPPVKPKLSFIQKIANRF
LTENVAEISSINFRRLNSGNINVLKGRGVFSSRRLREIYLRFDAANADELRPGDVYVKKTKFDSMGYDSHFYNEGIGING
APTLNTYTGEYVADSSSQGATYWLKYNLTNETSIIKVSNSARGANGIKIALEEIEENKPVVITSGTLTGSTVVFARKGEY
FYAVHTGNSESLIGFTSTSGVAKAIEVLSSLSELEVPALPDVINNNTLVEYLSDNFDSALISYSSSSLKPNSMINISREN
VSTFSYYTDDIQLPSFGTSVTILVRTNDNTVVRSLSESYTMNSNSSKMVVFNVLQKDF
;
_entity_poly.pdbx_strand_id   A
#
# COMPACT_ATOMS: atom_id res chain seq x y z
N GLY A 2 -6.67 -31.67 -15.53
CA GLY A 2 -7.26 -32.58 -14.50
C GLY A 2 -8.64 -33.06 -14.86
N GLY A 3 -9.52 -32.13 -15.24
CA GLY A 3 -10.88 -32.46 -15.60
C GLY A 3 -11.05 -32.73 -17.08
N ARG A 4 -12.31 -32.90 -17.49
CA ARG A 4 -12.60 -33.30 -18.86
C ARG A 4 -12.27 -32.20 -19.86
N MET A 5 -12.70 -30.97 -19.57
CA MET A 5 -12.69 -29.91 -20.57
C MET A 5 -11.34 -29.21 -20.62
N LYS A 6 -11.07 -28.59 -21.76
CA LYS A 6 -9.87 -27.78 -21.97
C LYS A 6 -10.05 -26.46 -21.23
N ASN A 7 -9.26 -26.24 -20.19
CA ASN A 7 -9.35 -25.00 -19.44
C ASN A 7 -9.11 -23.82 -20.38
N GLN A 8 -9.91 -22.77 -20.22
CA GLN A 8 -9.83 -21.60 -21.07
C GLN A 8 -9.87 -20.34 -20.22
N TRP A 9 -9.38 -19.24 -20.82
CA TRP A 9 -9.32 -17.96 -20.12
C TRP A 9 -10.66 -17.59 -19.50
N GLN A 10 -11.74 -17.70 -20.30
CA GLN A 10 -13.08 -17.40 -19.80
C GLN A 10 -13.41 -18.23 -18.57
N HIS A 11 -13.06 -19.52 -18.59
CA HIS A 11 -13.37 -20.39 -17.44
C HIS A 11 -12.65 -19.90 -16.18
N GLN A 12 -11.36 -19.58 -16.31
CA GLN A 12 -10.60 -19.14 -15.14
C GLN A 12 -11.10 -17.79 -14.63
N TYR A 13 -11.50 -16.91 -15.55
CA TYR A 13 -12.11 -15.64 -15.15
C TYR A 13 -13.36 -15.89 -14.33
N PHE A 14 -14.27 -16.73 -14.83
CA PHE A 14 -15.50 -16.97 -14.11
C PHE A 14 -15.24 -17.65 -12.78
N LEU A 15 -14.18 -18.46 -12.70
CA LEU A 15 -13.80 -19.05 -11.41
C LEU A 15 -13.35 -17.99 -10.42
N SER A 16 -12.51 -17.05 -10.85
CA SER A 16 -12.10 -15.97 -9.97
C SER A 16 -13.30 -15.14 -9.51
N TYR A 17 -14.22 -14.87 -10.43
CA TYR A 17 -15.44 -14.14 -10.11
C TYR A 17 -16.24 -14.85 -9.03
N SER A 18 -16.47 -16.15 -9.23
CA SER A 18 -17.14 -16.97 -8.22
C SER A 18 -16.40 -16.91 -6.89
N GLU A 19 -15.08 -16.99 -6.92
CA GLU A 19 -14.31 -16.98 -5.68
C GLU A 19 -14.48 -15.67 -4.93
N LEU A 20 -14.42 -14.54 -5.64
CA LEU A 20 -14.62 -13.25 -4.99
C LEU A 20 -16.00 -13.18 -4.33
N VAL A 21 -17.03 -13.69 -5.00
CA VAL A 21 -18.37 -13.60 -4.41
C VAL A 21 -18.52 -14.60 -3.25
N ALA A 22 -17.92 -15.78 -3.38
CA ALA A 22 -18.09 -16.81 -2.36
C ALA A 22 -17.33 -16.46 -1.09
N ASN A 23 -16.20 -15.78 -1.22
CA ASN A 23 -15.41 -15.38 -0.06
C ASN A 23 -16.01 -14.20 0.70
N PHE A 24 -17.06 -13.57 0.18
CA PHE A 24 -17.51 -12.31 0.77
C PHE A 24 -18.17 -12.56 2.12
N PRO A 25 -17.92 -11.70 3.11
CA PRO A 25 -18.54 -11.89 4.43
C PRO A 25 -20.03 -11.58 4.40
N SER A 26 -20.85 -12.58 4.75
CA SER A 26 -22.28 -12.36 4.89
C SER A 26 -22.60 -11.75 6.25
N PRO A 27 -23.29 -10.62 6.31
CA PRO A 27 -23.63 -10.06 7.64
C PRO A 27 -24.29 -11.05 8.57
N GLU A 28 -25.26 -11.83 8.05
CA GLU A 28 -26.00 -12.77 8.87
C GLU A 28 -25.07 -13.83 9.48
N LYS A 29 -24.22 -14.43 8.64
CA LYS A 29 -23.30 -15.46 9.11
C LYS A 29 -22.29 -14.88 10.10
N VAL A 30 -21.76 -13.69 9.82
CA VAL A 30 -20.78 -13.07 10.70
C VAL A 30 -21.38 -12.82 12.08
N VAL A 31 -22.60 -12.27 12.12
CA VAL A 31 -23.23 -11.96 13.40
C VAL A 31 -23.62 -13.25 14.13
N SER A 32 -24.13 -14.25 13.41
CA SER A 32 -24.50 -15.50 14.06
C SER A 32 -23.29 -16.19 14.69
N ASP A 33 -22.17 -16.23 13.97
CA ASP A 33 -20.97 -16.83 14.54
C ASP A 33 -20.51 -16.05 15.77
N TYR A 34 -20.52 -14.72 15.69
CA TYR A 34 -20.13 -13.92 16.86
C TYR A 34 -21.03 -14.22 18.05
N ILE A 35 -22.34 -14.32 17.83
CA ILE A 35 -23.26 -14.49 18.94
C ILE A 35 -23.10 -15.88 19.55
N LYS A 36 -22.91 -16.91 18.74
CA LYS A 36 -22.63 -18.23 19.29
C LYS A 36 -21.37 -18.21 20.14
N HIS A 37 -20.31 -17.58 19.63
CA HIS A 37 -19.07 -17.46 20.39
C HIS A 37 -19.35 -16.84 21.76
N LYS A 38 -20.04 -15.69 21.78
CA LYS A 38 -20.33 -15.02 23.04
C LYS A 38 -21.18 -15.90 23.94
N PHE A 39 -22.21 -16.56 23.38
CA PHE A 39 -23.10 -17.41 24.16
C PHE A 39 -22.33 -18.51 24.88
N SER A 40 -21.23 -18.98 24.30
CA SER A 40 -20.50 -20.06 24.96
C SER A 40 -19.84 -19.63 26.27
N THR A 41 -19.74 -18.32 26.56
CA THR A 41 -19.07 -17.87 27.77
C THR A 41 -19.90 -16.86 28.57
N THR A 42 -21.20 -16.77 28.32
CA THR A 42 -22.03 -15.82 29.05
C THR A 42 -22.36 -16.37 30.44
N LEU A 43 -23.05 -15.55 31.24
CA LEU A 43 -23.59 -15.96 32.53
C LEU A 43 -24.95 -15.29 32.70
N PRO A 44 -26.06 -16.04 32.67
CA PRO A 44 -26.19 -17.49 32.49
C PRO A 44 -25.60 -18.00 31.17
N TRP A 45 -25.08 -19.22 31.20
CA TRP A 45 -24.49 -19.83 30.02
C TRP A 45 -25.58 -20.08 28.96
N PHE A 46 -25.25 -19.75 27.71
CA PHE A 46 -26.22 -19.84 26.62
C PHE A 46 -25.68 -20.61 25.41
N GLY A 47 -24.65 -21.43 25.60
CA GLY A 47 -24.14 -22.26 24.53
C GLY A 47 -25.16 -23.22 23.95
N TRP A 48 -26.33 -23.37 24.58
CA TRP A 48 -27.41 -24.18 24.05
C TRP A 48 -28.29 -23.45 23.06
N ALA A 49 -28.18 -22.12 22.98
CA ALA A 49 -29.09 -21.31 22.19
C ALA A 49 -28.53 -21.11 20.79
N ASP A 50 -29.22 -21.65 19.80
CA ASP A 50 -28.86 -21.47 18.40
C ASP A 50 -29.58 -20.22 17.88
N PRO A 51 -28.89 -19.10 17.67
CA PRO A 51 -29.60 -17.85 17.37
C PRO A 51 -30.23 -17.79 15.99
N ASP A 52 -29.90 -18.72 15.10
CA ASP A 52 -30.57 -18.80 13.81
C ASP A 52 -31.83 -19.66 13.86
N ASN A 53 -32.07 -20.37 14.97
CA ASN A 53 -33.24 -21.24 15.09
C ASN A 53 -34.03 -21.00 16.37
N LEU A 54 -33.78 -19.88 17.04
CA LEU A 54 -34.69 -19.36 18.06
C LEU A 54 -35.26 -18.04 17.55
N TYR A 55 -36.48 -17.73 17.96
CA TYR A 55 -37.22 -16.62 17.38
C TYR A 55 -37.66 -15.64 18.46
N PHE A 56 -37.23 -14.40 18.32
CA PHE A 56 -37.77 -13.26 19.05
C PHE A 56 -39.06 -12.84 18.36
N ILE A 57 -40.20 -13.01 19.04
CA ILE A 57 -41.50 -12.67 18.48
C ILE A 57 -42.17 -11.66 19.40
N ARG A 58 -42.61 -10.55 18.81
CA ARG A 58 -43.37 -9.53 19.51
C ARG A 58 -44.86 -9.70 19.22
N PHE A 59 -45.69 -9.36 20.20
CA PHE A 59 -47.12 -9.53 20.10
C PHE A 59 -47.83 -8.26 20.54
N THR A 60 -49.12 -8.18 20.20
CA THR A 60 -49.98 -7.11 20.65
C THR A 60 -51.02 -7.59 21.66
N GLN A 61 -51.05 -8.89 21.96
CA GLN A 61 -51.96 -9.47 22.93
C GLN A 61 -51.13 -10.27 23.93
N SER A 62 -51.33 -10.01 25.22
CA SER A 62 -50.59 -10.67 26.28
C SER A 62 -51.57 -11.32 27.25
N ARG A 63 -51.21 -12.51 27.74
CA ARG A 63 -52.04 -13.24 28.68
C ARG A 63 -51.14 -13.88 29.74
N SER A 64 -51.49 -13.69 31.00
CA SER A 64 -50.64 -14.14 32.09
C SER A 64 -50.60 -15.67 32.14
N ASN A 65 -49.39 -16.20 32.34
CA ASN A 65 -49.16 -17.63 32.47
C ASN A 65 -48.05 -17.82 33.48
N ASN A 66 -48.36 -18.45 34.61
CA ASN A 66 -47.44 -18.56 35.72
C ASN A 66 -46.39 -19.65 35.54
N LYS A 67 -46.52 -20.47 34.50
CA LYS A 67 -45.57 -21.56 34.26
C LYS A 67 -44.62 -21.29 33.10
N SER A 68 -44.86 -20.27 32.28
CA SER A 68 -43.95 -19.95 31.21
C SER A 68 -42.79 -19.10 31.72
N TYR A 69 -41.69 -19.12 30.98
CA TYR A 69 -40.45 -18.51 31.46
C TYR A 69 -40.55 -16.99 31.56
N THR A 70 -41.21 -16.34 30.59
CA THR A 70 -41.41 -14.91 30.68
C THR A 70 -42.54 -14.53 31.64
N GLY A 71 -43.44 -15.47 31.94
CA GLY A 71 -44.62 -15.17 32.71
C GLY A 71 -45.85 -14.83 31.89
N TRP A 72 -45.74 -14.87 30.57
CA TRP A 72 -46.84 -14.54 29.68
C TRP A 72 -46.82 -15.46 28.48
N ASP A 73 -47.99 -15.83 27.99
CA ASP A 73 -48.11 -16.53 26.72
C ASP A 73 -48.95 -15.69 25.76
N HIS A 74 -48.88 -16.05 24.48
CA HIS A 74 -49.47 -15.24 23.43
C HIS A 74 -50.03 -16.15 22.36
N LEU A 75 -50.81 -15.56 21.46
CA LEU A 75 -51.38 -16.28 20.32
C LEU A 75 -50.72 -15.79 19.04
N GLY A 76 -50.38 -16.74 18.16
CA GLY A 76 -49.75 -16.39 16.90
C GLY A 76 -50.56 -15.39 16.09
N LYS A 77 -51.89 -15.44 16.22
CA LYS A 77 -52.75 -14.52 15.47
C LYS A 77 -52.36 -13.06 15.69
N TYR A 78 -51.84 -12.73 16.87
CA TYR A 78 -51.50 -11.35 17.22
C TYR A 78 -49.99 -11.13 17.23
N ALA A 79 -49.28 -11.78 16.32
CA ALA A 79 -47.84 -11.59 16.18
C ALA A 79 -47.58 -10.44 15.21
N ILE A 80 -46.75 -9.49 15.63
CA ILE A 80 -46.51 -8.29 14.84
C ILE A 80 -45.14 -8.33 14.19
N GLU A 81 -44.19 -9.01 14.78
CA GLU A 81 -42.82 -9.04 14.28
C GLU A 81 -42.17 -10.34 14.72
N THR A 82 -41.69 -11.12 13.76
CA THR A 82 -41.00 -12.37 14.00
C THR A 82 -39.59 -12.27 13.44
N LEU A 83 -38.60 -12.63 14.25
CA LEU A 83 -37.21 -12.61 13.80
C LEU A 83 -36.47 -13.77 14.43
N THR A 84 -35.48 -14.30 13.73
CA THR A 84 -34.50 -15.10 14.42
C THR A 84 -33.67 -14.20 15.32
N LEU A 85 -33.03 -14.79 16.33
CA LEU A 85 -32.20 -13.97 17.23
C LEU A 85 -31.15 -13.19 16.45
N THR A 86 -30.58 -13.80 15.42
CA THR A 86 -29.57 -13.11 14.61
C THR A 86 -30.18 -11.94 13.86
N GLN A 87 -31.30 -12.16 13.18
CA GLN A 87 -32.01 -11.05 12.53
C GLN A 87 -32.33 -9.96 13.54
N ALA A 88 -32.85 -10.34 14.71
CA ALA A 88 -33.19 -9.37 15.73
C ALA A 88 -31.97 -8.57 16.16
N ALA A 89 -30.78 -9.17 16.09
CA ALA A 89 -29.57 -8.43 16.41
C ALA A 89 -29.22 -7.45 15.30
N ILE A 90 -29.41 -7.86 14.04
CA ILE A 90 -29.02 -7.00 12.92
C ILE A 90 -29.91 -5.77 12.82
N VAL A 91 -31.20 -5.92 13.11
CA VAL A 91 -32.15 -4.82 12.91
C VAL A 91 -32.26 -3.98 14.18
N ASN A 92 -31.40 -4.26 15.15
CA ASN A 92 -31.40 -3.52 16.43
C ASN A 92 -32.80 -3.51 17.04
N ILE A 93 -33.23 -4.72 17.43
CA ILE A 93 -34.56 -4.89 18.02
C ILE A 93 -34.68 -4.10 19.32
N GLY A 94 -33.56 -3.91 20.03
CA GLY A 94 -33.59 -3.19 21.29
C GLY A 94 -34.21 -1.81 21.20
N SER A 95 -34.21 -1.20 20.02
CA SER A 95 -34.76 0.15 19.87
C SER A 95 -36.29 0.18 19.90
N ARG A 96 -36.96 -0.98 19.88
CA ARG A 96 -38.40 -0.99 20.07
C ARG A 96 -38.81 -0.85 21.53
N PHE A 97 -37.86 -0.95 22.46
CA PHE A 97 -38.18 -1.02 23.88
C PHE A 97 -37.38 0.05 24.62
N ASP A 98 -38.08 0.83 25.44
CA ASP A 98 -37.43 1.85 26.25
C ASP A 98 -36.81 1.26 27.51
N ILE A 99 -37.57 0.45 28.24
CA ILE A 99 -37.05 -0.39 29.31
C ILE A 99 -37.02 -1.82 28.80
N PHE A 100 -35.84 -2.44 28.79
CA PHE A 100 -35.73 -3.82 28.33
C PHE A 100 -36.65 -4.75 29.11
N ASP A 101 -36.79 -4.50 30.42
CA ASP A 101 -37.62 -5.36 31.25
C ASP A 101 -39.07 -5.41 30.76
N GLU A 102 -39.50 -4.45 29.94
CA GLU A 102 -40.87 -4.49 29.44
C GLU A 102 -41.04 -5.51 28.33
N ALA A 103 -40.00 -5.74 27.53
CA ALA A 103 -40.09 -6.70 26.44
C ALA A 103 -40.45 -8.11 26.92
N ASN A 104 -40.35 -8.38 28.22
CA ASN A 104 -40.73 -9.69 28.74
C ASN A 104 -42.23 -9.91 28.70
N SER A 105 -43.03 -8.85 28.67
CA SER A 105 -44.47 -8.97 28.68
C SER A 105 -45.10 -8.92 27.29
N THR A 106 -44.48 -8.21 26.35
CA THR A 106 -45.03 -8.07 25.01
C THR A 106 -44.29 -8.92 23.98
N ALA A 107 -43.37 -9.77 24.39
CA ALA A 107 -42.56 -10.53 23.44
C ALA A 107 -42.03 -11.78 24.12
N GLY A 108 -41.48 -12.68 23.31
CA GLY A 108 -40.91 -13.91 23.84
C GLY A 108 -39.98 -14.57 22.86
N ILE A 109 -39.10 -15.41 23.41
CA ILE A 109 -38.18 -16.23 22.60
C ILE A 109 -38.75 -17.64 22.53
N TYR A 110 -38.92 -18.15 21.31
CA TYR A 110 -39.56 -19.43 21.10
C TYR A 110 -38.75 -20.28 20.14
N LYS A 111 -38.98 -21.59 20.22
CA LYS A 111 -38.25 -22.53 19.38
C LYS A 111 -38.85 -22.68 17.99
N THR A 112 -40.01 -22.10 17.74
CA THR A 112 -40.65 -22.14 16.43
C THR A 112 -41.14 -20.75 16.06
N ASN A 113 -41.36 -20.54 14.76
CA ASN A 113 -41.76 -19.25 14.23
C ASN A 113 -43.23 -19.18 13.83
N ASN A 114 -43.95 -20.30 13.85
CA ASN A 114 -45.38 -20.30 13.52
C ASN A 114 -46.06 -21.33 14.40
N ALA A 115 -47.07 -20.89 15.14
CA ALA A 115 -47.77 -21.76 16.06
C ALA A 115 -49.07 -21.10 16.49
N ASP A 116 -50.08 -21.93 16.75
CA ASP A 116 -51.35 -21.42 17.24
C ASP A 116 -51.17 -20.62 18.53
N SER A 117 -50.43 -21.18 19.48
CA SER A 117 -50.23 -20.54 20.78
C SER A 117 -48.76 -20.66 21.16
N PHE A 118 -48.12 -19.52 21.42
CA PHE A 118 -46.75 -19.49 21.91
C PHE A 118 -46.76 -19.43 23.44
N ASP A 119 -46.14 -20.42 24.08
CA ASP A 119 -46.20 -20.52 25.52
C ASP A 119 -45.08 -21.45 26.00
N GLU A 120 -45.27 -22.05 27.18
CA GLU A 120 -44.23 -22.90 27.75
C GLU A 120 -44.00 -24.16 26.92
N THR A 121 -44.94 -24.52 26.05
CA THR A 121 -44.79 -25.74 25.27
C THR A 121 -43.70 -25.61 24.21
N ASN A 122 -43.47 -24.40 23.70
CA ASN A 122 -42.49 -24.18 22.64
C ASN A 122 -41.53 -23.03 22.94
N GLU A 123 -41.54 -22.51 24.16
CA GLU A 123 -40.63 -21.43 24.51
C GLU A 123 -39.19 -21.92 24.55
N ALA A 124 -38.27 -20.97 24.46
CA ALA A 124 -36.88 -21.18 24.84
C ALA A 124 -36.66 -20.52 26.20
N LYS A 125 -35.80 -21.14 27.01
CA LYS A 125 -35.53 -20.66 28.37
C LYS A 125 -34.60 -19.45 28.34
N MET A 126 -35.11 -18.38 27.73
CA MET A 126 -34.36 -17.13 27.59
C MET A 126 -35.35 -15.97 27.62
N LEU A 127 -35.06 -14.98 28.45
CA LEU A 127 -35.92 -13.80 28.52
C LEU A 127 -35.57 -12.84 27.39
N PRO A 128 -36.57 -12.20 26.77
CA PRO A 128 -36.26 -11.13 25.82
C PRO A 128 -35.37 -10.05 26.43
N SER A 129 -35.59 -9.70 27.70
CA SER A 129 -34.77 -8.68 28.34
C SER A 129 -33.32 -9.11 28.43
N GLU A 130 -33.07 -10.39 28.75
CA GLU A 130 -31.69 -10.89 28.77
C GLU A 130 -31.02 -10.67 27.43
N TYR A 131 -31.74 -10.95 26.33
CA TYR A 131 -31.16 -10.81 25.01
C TYR A 131 -30.94 -9.35 24.65
N LEU A 132 -31.86 -8.46 25.04
CA LEU A 132 -31.67 -7.05 24.76
C LEU A 132 -30.44 -6.52 25.48
N TYR A 133 -30.30 -6.84 26.77
CA TYR A 133 -29.10 -6.47 27.51
C TYR A 133 -27.86 -7.05 26.83
N PHE A 134 -27.92 -8.30 26.40
CA PHE A 134 -26.77 -8.92 25.74
C PHE A 134 -26.40 -8.17 24.46
N LEU A 135 -27.40 -7.78 23.66
CA LEU A 135 -27.15 -7.04 22.44
C LEU A 135 -26.48 -5.70 22.74
N ARG A 136 -26.95 -5.00 23.78
CA ARG A 136 -26.36 -3.71 24.11
C ARG A 136 -24.85 -3.80 24.32
N ASP A 137 -24.33 -4.99 24.62
CA ASP A 137 -22.91 -5.19 24.88
C ASP A 137 -22.14 -5.64 23.65
N CYS A 138 -22.77 -5.66 22.47
CA CYS A 138 -22.13 -6.07 21.23
C CYS A 138 -22.03 -4.88 20.29
N ASP A 139 -20.85 -4.68 19.70
CA ASP A 139 -20.68 -3.72 18.61
C ASP A 139 -20.58 -4.51 17.31
N PHE A 140 -21.70 -4.64 16.61
CA PHE A 140 -21.73 -5.42 15.37
C PHE A 140 -21.12 -4.66 14.21
N SER A 141 -21.17 -3.33 14.24
CA SER A 141 -20.58 -2.54 13.17
C SER A 141 -19.08 -2.75 13.09
N ASN A 142 -18.41 -2.73 14.26
CA ASN A 142 -16.97 -2.97 14.29
C ASN A 142 -16.64 -4.41 13.91
N LEU A 143 -17.53 -5.34 14.23
CA LEU A 143 -17.34 -6.74 13.84
C LEU A 143 -17.36 -6.89 12.33
N TYR A 144 -18.39 -6.33 11.67
CA TYR A 144 -18.45 -6.41 10.22
C TYR A 144 -17.34 -5.61 9.58
N ASN A 145 -16.89 -4.53 10.22
CA ASN A 145 -15.74 -3.80 9.71
C ASN A 145 -14.49 -4.67 9.68
N LYS A 146 -14.25 -5.42 10.77
CA LYS A 146 -13.09 -6.31 10.77
C LYS A 146 -13.26 -7.45 9.78
N ALA A 147 -14.49 -7.93 9.59
CA ALA A 147 -14.73 -8.98 8.59
C ALA A 147 -14.39 -8.48 7.19
N LEU A 148 -14.83 -7.27 6.86
CA LEU A 148 -14.48 -6.67 5.57
C LEU A 148 -12.99 -6.41 5.47
N SER A 149 -12.35 -6.03 6.59
CA SER A 149 -10.91 -5.81 6.57
C SER A 149 -10.17 -7.09 6.20
N ASP A 150 -10.55 -8.21 6.82
CA ASP A 150 -9.93 -9.50 6.49
C ASP A 150 -10.24 -9.89 5.05
N TYR A 151 -11.49 -9.67 4.62
CA TYR A 151 -11.85 -9.99 3.24
C TYR A 151 -10.95 -9.25 2.26
N TRP A 152 -10.71 -7.96 2.49
CA TRP A 152 -9.89 -7.20 1.55
C TRP A 152 -8.42 -7.60 1.67
N ALA A 153 -7.93 -7.82 2.89
CA ALA A 153 -6.59 -8.35 3.06
C ALA A 153 -6.37 -9.59 2.20
N GLU A 154 -7.41 -10.42 2.06
CA GLU A 154 -7.27 -11.68 1.35
C GLU A 154 -7.66 -11.62 -0.13
N ASN A 155 -8.41 -10.60 -0.56
CA ASN A 155 -8.92 -10.57 -1.94
C ASN A 155 -8.71 -9.25 -2.68
N TYR A 156 -7.88 -8.34 -2.17
CA TYR A 156 -7.73 -7.06 -2.86
C TYR A 156 -7.08 -7.22 -4.22
N GLU A 157 -5.99 -8.00 -4.30
CA GLU A 157 -5.35 -8.21 -5.59
C GLU A 157 -6.25 -9.01 -6.53
N LYS A 158 -6.97 -9.99 -5.99
CA LYS A 158 -7.94 -10.73 -6.80
C LYS A 158 -8.93 -9.76 -7.43
N PHE A 159 -9.47 -8.83 -6.63
CA PHE A 159 -10.43 -7.87 -7.16
C PHE A 159 -9.78 -6.97 -8.21
N SER A 160 -8.58 -6.46 -7.93
CA SER A 160 -7.94 -5.55 -8.86
C SER A 160 -7.68 -6.22 -10.21
N THR A 161 -7.08 -7.41 -10.18
CA THR A 161 -6.79 -8.14 -11.41
C THR A 161 -8.08 -8.49 -12.15
N LEU A 162 -9.10 -8.93 -11.41
CA LEU A 162 -10.36 -9.27 -12.07
C LEU A 162 -10.98 -8.06 -12.74
N LEU A 163 -10.94 -6.91 -12.08
CA LEU A 163 -11.49 -5.70 -12.66
C LEU A 163 -10.73 -5.31 -13.93
N GLN A 164 -9.40 -5.35 -13.87
CA GLN A 164 -8.60 -5.04 -15.05
C GLN A 164 -8.95 -5.96 -16.20
N ASN A 165 -9.07 -7.27 -15.93
CA ASN A 165 -9.40 -8.22 -16.99
C ASN A 165 -10.83 -8.02 -17.48
N TYR A 166 -11.76 -7.63 -16.60
CA TYR A 166 -13.11 -7.29 -17.04
C TYR A 166 -13.08 -6.15 -18.03
N TYR A 167 -12.34 -5.10 -17.70
CA TYR A 167 -12.15 -3.98 -18.63
C TYR A 167 -11.60 -4.46 -19.96
N ILE A 168 -10.49 -5.20 -19.93
CA ILE A 168 -9.80 -5.57 -21.17
C ILE A 168 -10.68 -6.48 -22.03
N SER A 169 -11.27 -7.52 -21.41
CA SER A 169 -12.09 -8.45 -22.15
C SER A 169 -13.35 -7.79 -22.67
N SER A 170 -13.99 -6.94 -21.85
CA SER A 170 -15.18 -6.24 -22.31
C SER A 170 -14.86 -5.36 -23.51
N ALA A 171 -13.73 -4.64 -23.46
CA ALA A 171 -13.34 -3.81 -24.60
C ALA A 171 -13.15 -4.65 -25.85
N TYR A 172 -12.36 -5.73 -25.76
CA TYR A 172 -12.12 -6.54 -26.94
C TYR A 172 -13.41 -7.13 -27.49
N TYR A 173 -14.25 -7.68 -26.62
CA TYR A 173 -15.50 -8.30 -27.07
C TYR A 173 -16.42 -7.28 -27.73
N LEU A 174 -16.55 -6.09 -27.15
CA LEU A 174 -17.40 -5.07 -27.75
C LEU A 174 -16.81 -4.58 -29.07
N TYR A 175 -15.49 -4.56 -29.21
CA TYR A 175 -14.90 -4.14 -30.48
C TYR A 175 -15.17 -5.17 -31.57
N LYS A 176 -15.09 -6.46 -31.24
CA LYS A 176 -15.37 -7.48 -32.25
C LYS A 176 -16.85 -7.53 -32.63
N ASP A 177 -17.74 -7.01 -31.77
CA ASP A 177 -19.14 -6.86 -32.11
C ASP A 177 -19.47 -5.51 -32.73
N SER A 178 -18.45 -4.73 -33.11
CA SER A 178 -18.64 -3.43 -33.73
C SER A 178 -19.51 -2.52 -32.88
N ALA A 179 -19.55 -2.76 -31.57
CA ALA A 179 -20.19 -1.85 -30.63
C ALA A 179 -19.30 -0.68 -30.27
N ILE A 180 -18.01 -0.75 -30.60
CA ILE A 180 -17.08 0.37 -30.47
C ILE A 180 -16.14 0.36 -31.66
N SER A 181 -15.79 1.54 -32.15
CA SER A 181 -14.87 1.65 -33.26
C SER A 181 -13.47 1.23 -32.84
N LYS A 182 -12.60 1.04 -33.83
CA LYS A 182 -11.19 0.74 -33.55
C LYS A 182 -10.58 1.83 -32.68
N ASP A 183 -10.77 3.09 -33.06
CA ASP A 183 -10.25 4.21 -32.29
C ASP A 183 -10.68 4.11 -30.83
N GLU A 184 -11.93 3.74 -30.58
CA GLU A 184 -12.45 3.67 -29.22
C GLU A 184 -11.77 2.57 -28.43
N TYR A 185 -11.55 1.41 -29.04
CA TYR A 185 -10.86 0.33 -28.37
C TYR A 185 -9.43 0.73 -28.01
N GLU A 186 -8.71 1.33 -28.97
CA GLU A 186 -7.35 1.76 -28.71
C GLU A 186 -7.31 2.84 -27.63
N PHE A 187 -8.33 3.71 -27.60
CA PHE A 187 -8.40 4.72 -26.55
C PHE A 187 -8.57 4.07 -25.19
N SER A 188 -9.52 3.14 -25.08
CA SER A 188 -9.77 2.49 -23.80
C SER A 188 -8.53 1.78 -23.29
N ILE A 189 -7.80 1.09 -24.18
CA ILE A 189 -6.61 0.38 -23.72
C ILE A 189 -5.51 1.36 -23.35
N ASP A 190 -5.37 2.45 -24.11
CA ASP A 190 -4.33 3.44 -23.80
C ASP A 190 -4.56 4.11 -22.46
N ALA A 191 -5.78 4.03 -21.91
CA ALA A 191 -6.13 4.73 -20.69
C ALA A 191 -5.82 3.95 -19.42
N ILE A 192 -5.52 2.64 -19.54
CA ILE A 192 -5.24 1.83 -18.36
C ILE A 192 -4.01 2.35 -17.63
N PHE A 193 -2.88 2.44 -18.34
CA PHE A 193 -1.65 2.96 -17.77
C PHE A 193 -1.34 4.39 -18.21
N ASN A 194 -2.03 4.89 -19.23
CA ASN A 194 -1.73 6.21 -19.80
C ASN A 194 -0.23 6.35 -20.04
N LYS A 195 0.29 5.44 -20.87
CA LYS A 195 1.74 5.31 -21.03
C LYS A 195 2.33 6.58 -21.62
N LYS A 196 1.89 6.95 -22.82
CA LYS A 196 2.40 8.14 -23.49
C LYS A 196 1.92 9.44 -22.88
N ASN A 197 1.16 9.40 -21.78
CA ASN A 197 0.66 10.61 -21.12
C ASN A 197 -0.26 11.41 -22.03
N LYS A 198 -0.90 10.76 -22.99
CA LYS A 198 -1.78 11.46 -23.92
C LYS A 198 -3.15 11.75 -23.34
N ILE A 199 -3.55 11.05 -22.29
CA ILE A 199 -4.92 11.10 -21.80
C ILE A 199 -4.95 11.71 -20.39
N LEU A 200 -6.09 12.28 -20.05
CA LEU A 200 -6.38 12.77 -18.72
C LEU A 200 -7.38 11.83 -18.05
N ARG A 201 -7.10 11.43 -16.82
CA ARG A 201 -7.97 10.51 -16.09
C ARG A 201 -8.49 11.19 -14.84
N TYR A 202 -9.80 11.09 -14.63
CA TYR A 202 -10.45 11.68 -13.49
C TYR A 202 -11.38 10.68 -12.83
N TYR A 203 -11.56 10.82 -11.52
CA TYR A 203 -12.73 10.24 -10.88
C TYR A 203 -13.99 10.87 -11.45
N PHE A 204 -15.05 10.09 -11.58
CA PHE A 204 -16.34 10.65 -11.92
C PHE A 204 -17.02 11.19 -10.67
N ASP A 205 -17.27 12.48 -10.63
CA ASP A 205 -17.93 13.10 -9.49
C ASP A 205 -19.21 13.79 -9.91
N VAL A 206 -20.13 13.91 -8.96
CA VAL A 206 -21.30 14.76 -9.08
C VAL A 206 -21.31 15.66 -7.86
N TYR A 207 -21.08 16.96 -8.06
CA TYR A 207 -21.06 17.92 -6.97
C TYR A 207 -19.98 17.56 -5.94
N GLY A 208 -18.86 17.05 -6.42
CA GLY A 208 -17.76 16.69 -5.54
C GLY A 208 -17.90 15.34 -4.89
N TYR A 209 -18.96 14.58 -5.19
CA TYR A 209 -19.12 13.22 -4.66
C TYR A 209 -18.52 12.26 -5.69
N TYR A 210 -17.44 11.59 -5.30
CA TYR A 210 -16.69 10.74 -6.21
C TYR A 210 -17.28 9.35 -6.27
N SER A 211 -17.60 8.89 -7.47
CA SER A 211 -18.08 7.52 -7.65
C SER A 211 -17.05 6.53 -7.14
N SER A 212 -17.53 5.39 -6.66
CA SER A 212 -16.65 4.40 -6.06
C SER A 212 -15.99 3.51 -7.10
N ASP A 213 -16.57 3.37 -8.30
CA ASP A 213 -16.05 2.42 -9.28
C ASP A 213 -16.17 2.87 -10.73
N MET A 214 -16.42 4.14 -11.00
CA MET A 214 -16.43 4.66 -12.36
C MET A 214 -15.24 5.59 -12.56
N PHE A 215 -14.93 5.88 -13.82
CA PHE A 215 -13.94 6.92 -14.07
C PHE A 215 -14.11 7.50 -15.47
N VAL A 216 -13.38 8.59 -15.71
CA VAL A 216 -13.44 9.31 -16.98
C VAL A 216 -12.03 9.39 -17.57
N ALA A 217 -11.91 9.02 -18.84
CA ALA A 217 -10.69 9.18 -19.62
C ALA A 217 -10.96 10.15 -20.76
N MET A 218 -10.14 11.18 -20.88
CA MET A 218 -10.50 12.31 -21.74
C MET A 218 -9.27 12.92 -22.37
N ASN A 219 -9.34 13.13 -23.68
CA ASN A 219 -8.40 14.02 -24.37
C ASN A 219 -9.18 14.81 -25.40
N ASP A 220 -8.47 15.71 -26.09
CA ASP A 220 -9.11 16.56 -27.09
C ASP A 220 -9.90 15.76 -28.12
N ASN A 221 -9.46 14.53 -28.40
CA ASN A 221 -10.10 13.72 -29.42
C ASN A 221 -11.40 13.09 -28.91
N LYS A 222 -11.39 12.54 -27.70
CA LYS A 222 -12.48 11.72 -27.24
C LYS A 222 -12.64 11.84 -25.72
N THR A 223 -13.87 11.67 -25.26
CA THR A 223 -14.20 11.57 -23.85
C THR A 223 -14.89 10.23 -23.60
N MET A 224 -14.53 9.56 -22.50
CA MET A 224 -15.02 8.22 -22.22
C MET A 224 -15.37 8.10 -20.74
N LEU A 225 -16.54 7.52 -20.46
CA LEU A 225 -16.96 7.17 -19.12
C LEU A 225 -16.96 5.65 -18.98
N PHE A 226 -16.15 5.14 -18.06
CA PHE A 226 -16.17 3.73 -17.70
C PHE A 226 -17.12 3.58 -16.50
N ILE A 227 -18.13 2.73 -16.69
CA ILE A 227 -19.22 2.52 -15.75
C ILE A 227 -19.46 1.01 -15.63
N PRO A 228 -18.89 0.34 -14.62
CA PRO A 228 -18.93 -1.12 -14.60
C PRO A 228 -20.34 -1.66 -14.43
N GLY A 229 -20.58 -2.83 -15.04
CA GLY A 229 -21.84 -3.51 -14.94
C GLY A 229 -22.84 -3.16 -16.02
N ALA A 230 -22.63 -2.06 -16.75
CA ALA A 230 -23.56 -1.67 -17.80
C ALA A 230 -23.46 -2.61 -18.99
N THR A 231 -24.54 -2.68 -19.77
CA THR A 231 -24.52 -3.53 -20.96
C THR A 231 -23.41 -3.10 -21.91
N ASN A 232 -23.06 -1.82 -21.91
CA ASN A 232 -21.86 -1.33 -22.59
C ASN A 232 -21.12 -0.44 -21.60
N PRO A 233 -20.07 -0.94 -20.94
CA PRO A 233 -19.39 -0.15 -19.90
C PRO A 233 -18.72 1.12 -20.41
N PHE A 234 -18.55 1.29 -21.72
CA PHE A 234 -17.81 2.42 -22.27
C PHE A 234 -18.79 3.36 -22.94
N ILE A 235 -19.03 4.51 -22.32
CA ILE A 235 -19.90 5.55 -22.88
C ILE A 235 -19.01 6.63 -23.46
N PHE A 236 -19.00 6.76 -24.78
CA PHE A 236 -18.14 7.70 -25.47
C PHE A 236 -18.89 8.96 -25.86
N ALA A 237 -18.15 10.07 -25.92
CA ALA A 237 -18.71 11.35 -26.31
C ALA A 237 -17.60 12.19 -26.92
N ASP A 238 -18.00 13.18 -27.72
CA ASP A 238 -17.03 14.06 -28.38
C ASP A 238 -16.30 14.93 -27.35
N ASN A 239 -17.01 15.39 -26.33
CA ASN A 239 -16.44 16.28 -25.32
C ASN A 239 -17.25 16.12 -24.04
N ILE A 240 -16.89 16.92 -23.03
CA ILE A 240 -17.53 16.78 -21.72
C ILE A 240 -18.97 17.29 -21.75
N THR A 241 -19.26 18.28 -22.59
CA THR A 241 -20.63 18.77 -22.71
C THR A 241 -21.54 17.69 -23.27
N ASP A 242 -21.10 17.03 -24.34
CA ASP A 242 -21.88 15.94 -24.92
C ASP A 242 -22.06 14.81 -23.91
N LEU A 243 -21.02 14.51 -23.13
CA LEU A 243 -21.13 13.47 -22.12
C LEU A 243 -22.16 13.84 -21.05
N ARG A 244 -22.14 15.11 -20.60
CA ARG A 244 -23.14 15.56 -19.64
C ARG A 244 -24.54 15.42 -20.20
N ASP A 245 -24.74 15.80 -21.46
CA ASP A 245 -26.06 15.66 -22.08
C ASP A 245 -26.48 14.19 -22.13
N LYS A 246 -25.57 13.30 -22.51
CA LYS A 246 -25.89 11.89 -22.58
C LYS A 246 -26.27 11.34 -21.20
N ILE A 247 -25.52 11.73 -20.17
CA ILE A 247 -25.79 11.24 -18.82
C ILE A 247 -27.15 11.73 -18.34
N LYS A 248 -27.46 13.00 -18.57
CA LYS A 248 -28.75 13.52 -18.17
C LYS A 248 -29.88 12.78 -18.87
N ALA A 249 -29.71 12.54 -20.18
CA ALA A 249 -30.73 11.79 -20.91
C ALA A 249 -30.91 10.39 -20.33
N LEU A 250 -29.79 9.73 -19.99
CA LEU A 250 -29.89 8.39 -19.40
C LEU A 250 -30.66 8.41 -18.10
N ILE A 251 -30.29 9.31 -17.17
CA ILE A 251 -30.89 9.30 -15.84
C ILE A 251 -32.22 10.00 -15.81
N SER A 252 -32.72 10.44 -16.97
CA SER A 252 -34.07 11.00 -17.01
C SER A 252 -35.15 9.99 -16.71
N ASP A 253 -34.84 8.69 -16.68
CA ASP A 253 -35.78 7.66 -16.25
C ASP A 253 -35.51 7.34 -14.78
N LYS A 254 -36.58 7.29 -13.98
CA LYS A 254 -36.42 7.13 -12.53
C LYS A 254 -35.62 5.88 -12.19
N ASN A 255 -35.94 4.76 -12.84
CA ASN A 255 -35.27 3.49 -12.55
C ASN A 255 -33.80 3.55 -12.96
N THR A 256 -33.54 4.02 -14.17
CA THR A 256 -32.16 4.22 -14.62
C THR A 256 -31.41 5.11 -13.63
N ARG A 257 -32.08 6.13 -13.09
CA ARG A 257 -31.43 7.06 -12.18
C ARG A 257 -31.04 6.37 -10.88
N GLU A 258 -31.93 5.56 -10.32
CA GLU A 258 -31.59 4.79 -9.12
C GLU A 258 -30.38 3.90 -9.38
N LEU A 259 -30.41 3.16 -10.50
CA LEU A 259 -29.31 2.26 -10.81
C LEU A 259 -28.00 3.03 -10.96
N PHE A 260 -28.04 4.20 -11.60
CA PHE A 260 -26.85 5.04 -11.71
C PHE A 260 -26.34 5.43 -10.33
N SER A 261 -27.22 5.91 -9.46
CA SER A 261 -26.80 6.32 -8.13
C SER A 261 -26.16 5.17 -7.36
N LYS A 262 -26.47 3.92 -7.71
CA LYS A 262 -25.81 2.80 -7.04
C LYS A 262 -24.29 2.85 -7.12
N HIS A 263 -23.71 3.68 -7.99
CA HIS A 263 -22.26 3.81 -8.11
C HIS A 263 -21.67 4.78 -7.09
N PHE A 264 -22.45 5.22 -6.11
CA PHE A 264 -21.96 6.13 -5.08
C PHE A 264 -22.26 5.51 -3.73
N SER A 265 -21.44 5.86 -2.74
CA SER A 265 -21.63 5.32 -1.39
C SER A 265 -22.99 5.77 -0.85
N LEU A 266 -23.50 5.01 0.12
CA LEU A 266 -24.80 5.34 0.71
C LEU A 266 -24.77 6.70 1.39
N TYR A 267 -23.63 7.06 2.02
CA TYR A 267 -23.52 8.38 2.63
C TYR A 267 -23.58 9.48 1.58
N ASP A 268 -22.75 9.39 0.54
CA ASP A 268 -22.76 10.42 -0.50
C ASP A 268 -24.13 10.60 -1.13
N ARG A 269 -25.03 9.62 -1.00
CA ARG A 269 -26.33 9.70 -1.64
C ARG A 269 -27.36 10.46 -0.80
N GLN A 270 -27.18 10.54 0.51
CA GLN A 270 -28.15 11.23 1.35
C GLN A 270 -27.72 12.67 1.57
N ASP A 271 -28.69 13.53 1.89
CA ASP A 271 -28.42 14.93 2.10
C ASP A 271 -27.76 15.15 3.46
N GLY A 272 -26.86 16.13 3.52
CA GLY A 272 -26.18 16.49 4.74
C GLY A 272 -26.90 17.62 5.44
N ASN A 273 -26.28 18.09 6.53
CA ASN A 273 -26.83 19.24 7.24
C ASN A 273 -26.95 20.45 6.32
N THR A 274 -25.94 20.67 5.48
CA THR A 274 -25.82 21.87 4.68
C THR A 274 -26.03 21.63 3.20
N TYR A 275 -25.38 20.62 2.63
CA TYR A 275 -25.31 20.44 1.19
C TYR A 275 -26.06 19.19 0.74
N LEU A 276 -26.64 19.28 -0.46
CA LEU A 276 -27.40 18.17 -1.01
C LEU A 276 -26.50 16.99 -1.33
N GLY A 277 -27.11 15.80 -1.37
CA GLY A 277 -26.41 14.58 -1.73
C GLY A 277 -26.60 14.25 -3.21
N VAL A 278 -26.13 13.06 -3.57
CA VAL A 278 -26.10 12.68 -4.98
C VAL A 278 -27.51 12.48 -5.52
N ASN A 279 -28.40 11.88 -4.73
CA ASN A 279 -29.75 11.60 -5.21
C ASN A 279 -30.51 12.89 -5.52
N SER A 280 -30.47 13.85 -4.59
CA SER A 280 -31.11 15.13 -4.83
C SER A 280 -30.50 15.82 -6.06
N MET A 281 -29.17 15.81 -6.16
CA MET A 281 -28.53 16.53 -7.26
C MET A 281 -28.90 15.92 -8.60
N LEU A 282 -28.97 14.59 -8.69
CA LEU A 282 -29.41 13.95 -9.92
C LEU A 282 -30.86 14.32 -10.24
N GLU A 283 -31.73 14.23 -9.23
CA GLU A 283 -33.14 14.57 -9.46
C GLU A 283 -33.27 15.98 -10.01
N GLN A 284 -32.50 16.93 -9.46
CA GLN A 284 -32.65 18.32 -9.85
C GLN A 284 -31.91 18.65 -11.14
N ILE A 285 -30.86 17.90 -11.48
CA ILE A 285 -30.30 17.99 -12.82
C ILE A 285 -31.33 17.55 -13.84
N VAL A 286 -32.08 16.49 -13.53
CA VAL A 286 -33.08 15.99 -14.47
C VAL A 286 -34.21 16.99 -14.62
N SER A 287 -34.71 17.53 -13.50
CA SER A 287 -35.76 18.53 -13.59
C SER A 287 -35.27 19.81 -14.27
N GLY A 288 -33.96 20.01 -14.35
CA GLY A 288 -33.40 21.18 -15.00
C GLY A 288 -33.09 22.34 -14.08
N VAL A 289 -33.37 22.20 -12.78
CA VAL A 289 -33.11 23.26 -11.83
C VAL A 289 -31.61 23.40 -11.56
N VAL A 290 -30.84 22.33 -11.73
CA VAL A 290 -29.41 22.30 -11.47
C VAL A 290 -28.68 22.12 -12.80
N ASP A 291 -27.72 23.01 -13.08
CA ASP A 291 -26.96 22.92 -14.32
C ASP A 291 -26.29 21.55 -14.44
N THR A 292 -26.20 21.07 -15.68
CA THR A 292 -25.52 19.80 -15.94
C THR A 292 -24.03 19.88 -15.63
N ASN A 293 -23.46 21.08 -15.50
CA ASN A 293 -22.04 21.19 -15.18
C ASN A 293 -21.75 20.88 -13.72
N TYR A 294 -22.75 20.45 -12.95
CA TYR A 294 -22.49 19.83 -11.66
C TYR A 294 -22.14 18.35 -11.80
N ILE A 295 -22.29 17.80 -13.00
CA ILE A 295 -21.61 16.56 -13.37
C ILE A 295 -20.18 16.90 -13.75
N MET A 296 -19.23 16.17 -13.17
CA MET A 296 -17.81 16.47 -13.38
C MET A 296 -17.52 17.92 -12.99
N TYR A 297 -17.78 18.20 -11.71
CA TYR A 297 -17.71 19.51 -11.10
C TYR A 297 -16.41 19.71 -10.34
N SER A 298 -15.97 18.67 -9.63
CA SER A 298 -14.73 18.72 -8.87
C SER A 298 -13.52 18.44 -9.75
N ASN A 299 -13.64 17.46 -10.65
CA ASN A 299 -12.56 17.08 -11.56
C ASN A 299 -11.32 16.63 -10.79
N LYS A 300 -11.51 15.62 -9.95
CA LYS A 300 -10.40 15.09 -9.16
C LYS A 300 -9.52 14.21 -10.04
N ASN A 301 -8.24 14.55 -10.13
CA ASN A 301 -7.30 13.72 -10.89
C ASN A 301 -7.06 12.40 -10.19
N ILE A 302 -6.80 11.37 -10.98
CA ILE A 302 -6.38 10.07 -10.47
C ILE A 302 -4.87 9.98 -10.64
N ARG A 303 -4.18 9.60 -9.57
CA ARG A 303 -2.73 9.73 -9.49
C ARG A 303 -1.97 8.43 -9.64
N GLU A 304 -2.61 7.29 -9.42
CA GLU A 304 -1.93 6.01 -9.57
C GLU A 304 -1.68 5.71 -11.05
N ARG A 305 -0.56 5.06 -11.32
CA ARG A 305 -0.23 4.71 -12.70
C ARG A 305 -1.35 3.89 -13.34
N ASN A 306 -1.77 2.82 -12.68
CA ASN A 306 -2.79 1.92 -13.21
C ASN A 306 -4.14 2.31 -12.63
N VAL A 307 -5.06 2.73 -13.50
CA VAL A 307 -6.35 3.26 -13.07
C VAL A 307 -7.12 2.27 -12.20
N PHE A 308 -6.87 0.97 -12.37
CA PHE A 308 -7.62 -0.01 -11.60
C PHE A 308 -7.14 -0.11 -10.16
N GLU A 309 -5.89 0.29 -9.87
CA GLU A 309 -5.49 0.48 -8.48
C GLU A 309 -6.40 1.51 -7.81
N SER A 310 -6.61 2.65 -8.49
CA SER A 310 -7.49 3.69 -7.96
C SER A 310 -8.90 3.16 -7.74
N MET A 311 -9.46 2.51 -8.76
CA MET A 311 -10.84 2.02 -8.63
C MET A 311 -10.96 1.01 -7.50
N ALA A 312 -9.97 0.13 -7.35
CA ALA A 312 -10.02 -0.89 -6.30
C ALA A 312 -9.96 -0.25 -4.93
N PHE A 313 -9.03 0.69 -4.73
CA PHE A 313 -8.91 1.32 -3.42
C PHE A 313 -10.18 2.06 -3.04
N SER A 314 -10.78 2.78 -4.01
CA SER A 314 -12.00 3.52 -3.68
C SER A 314 -13.18 2.58 -3.44
N THR A 315 -13.23 1.43 -4.13
CA THR A 315 -14.28 0.45 -3.85
C THR A 315 -14.13 -0.14 -2.44
N ARG A 316 -12.90 -0.40 -2.02
CA ARG A 316 -12.65 -0.92 -0.67
C ARG A 316 -13.10 0.08 0.39
N GLU A 317 -12.73 1.36 0.21
CA GLU A 317 -13.16 2.39 1.14
C GLU A 317 -14.68 2.48 1.20
N ARG A 318 -15.33 2.46 0.03
CA ARG A 318 -16.79 2.49 0.03
C ARG A 318 -17.37 1.31 0.78
N SER A 319 -16.73 0.13 0.69
CA SER A 319 -17.32 -1.03 1.36
C SER A 319 -17.26 -0.87 2.87
N PHE A 320 -16.18 -0.28 3.39
CA PHE A 320 -16.17 0.03 4.82
C PHE A 320 -17.32 0.98 5.18
N ASN A 321 -17.48 2.08 4.42
CA ASN A 321 -18.53 3.04 4.75
C ASN A 321 -19.93 2.40 4.69
N ASP A 322 -20.18 1.63 3.63
CA ASP A 322 -21.50 1.07 3.42
C ASP A 322 -21.82 -0.01 4.45
N GLY A 323 -20.85 -0.87 4.78
CA GLY A 323 -21.07 -1.82 5.86
C GLY A 323 -21.41 -1.12 7.16
N ASP A 324 -20.69 -0.03 7.47
CA ASP A 324 -21.04 0.79 8.62
C ASP A 324 -22.52 1.13 8.63
N VAL A 325 -22.97 1.88 7.61
CA VAL A 325 -24.38 2.28 7.57
C VAL A 325 -25.30 1.07 7.68
N ILE A 326 -25.02 0.02 6.90
CA ILE A 326 -25.97 -1.09 6.77
C ILE A 326 -26.19 -1.76 8.11
N ILE A 327 -25.12 -1.91 8.90
CA ILE A 327 -25.29 -2.55 10.20
C ILE A 327 -25.92 -1.59 11.20
N LYS A 328 -25.56 -0.30 11.17
CA LYS A 328 -26.00 0.61 12.22
C LYS A 328 -27.46 1.00 12.08
N SER A 329 -27.86 1.50 10.90
CA SER A 329 -29.21 2.03 10.70
C SER A 329 -29.78 1.46 9.42
N ASN A 330 -30.72 0.53 9.54
CA ASN A 330 -31.37 -0.08 8.39
C ASN A 330 -32.90 -0.04 8.48
N ALA A 331 -33.44 0.88 9.30
CA ALA A 331 -34.89 1.00 9.44
C ALA A 331 -35.47 1.77 8.26
N GLU A 332 -36.54 1.25 7.67
CA GLU A 332 -37.26 1.91 6.59
C GLU A 332 -36.31 2.25 5.44
N VAL A 333 -35.65 1.20 4.94
CA VAL A 333 -34.74 1.31 3.80
C VAL A 333 -35.28 0.42 2.69
N GLN A 334 -34.64 0.50 1.53
CA GLN A 334 -35.03 -0.34 0.41
C GLN A 334 -34.59 -1.77 0.65
N ARG A 335 -35.22 -2.69 -0.09
CA ARG A 335 -34.94 -4.11 0.12
C ARG A 335 -33.54 -4.49 -0.34
N ASP A 336 -33.04 -3.84 -1.39
CA ASP A 336 -31.69 -4.11 -1.89
C ASP A 336 -30.61 -3.30 -1.18
N TYR A 337 -30.93 -2.70 -0.04
CA TYR A 337 -29.97 -1.90 0.71
C TYR A 337 -28.69 -2.70 0.97
N ALA A 338 -28.83 -3.84 1.65
CA ALA A 338 -27.67 -4.61 2.07
C ALA A 338 -26.78 -5.04 0.91
N LEU A 339 -27.33 -5.10 -0.32
CA LEU A 339 -26.55 -5.55 -1.45
C LEU A 339 -25.53 -4.53 -1.91
N ASN A 340 -25.54 -3.31 -1.35
CA ASN A 340 -24.59 -2.30 -1.80
C ASN A 340 -23.15 -2.79 -1.67
N VAL A 341 -22.85 -3.52 -0.59
CA VAL A 341 -21.48 -3.97 -0.37
C VAL A 341 -21.03 -4.97 -1.43
N LEU A 342 -21.95 -5.61 -2.15
CA LEU A 342 -21.62 -6.50 -3.25
C LEU A 342 -21.87 -5.87 -4.61
N GLN A 343 -22.27 -4.60 -4.66
CA GLN A 343 -22.67 -3.99 -5.92
C GLN A 343 -21.55 -4.09 -6.96
N THR A 344 -20.34 -3.66 -6.62
CA THR A 344 -19.28 -3.56 -7.62
C THR A 344 -18.72 -4.91 -8.01
N ILE A 345 -18.45 -5.78 -7.02
CA ILE A 345 -17.93 -7.11 -7.34
C ILE A 345 -18.84 -7.81 -8.35
N LEU A 346 -20.14 -7.84 -8.06
CA LEU A 346 -21.09 -8.48 -8.97
C LEU A 346 -21.18 -7.77 -10.32
N SER A 347 -20.84 -6.48 -10.38
CA SER A 347 -20.80 -5.79 -11.66
C SER A 347 -19.72 -6.33 -12.59
N LEU A 348 -18.86 -7.24 -12.11
CA LEU A 348 -17.82 -7.81 -12.94
C LEU A 348 -18.24 -9.09 -13.65
N SER A 349 -19.54 -9.38 -13.67
CA SER A 349 -20.05 -10.44 -14.51
C SER A 349 -19.57 -10.25 -15.94
N PRO A 350 -19.07 -11.28 -16.62
CA PRO A 350 -18.57 -11.10 -17.98
C PRO A 350 -19.70 -10.77 -18.94
N ILE A 351 -19.42 -9.86 -19.88
CA ILE A 351 -20.39 -9.57 -20.93
C ILE A 351 -20.39 -10.69 -21.97
N PHE A 352 -19.23 -11.27 -22.26
CA PHE A 352 -19.18 -12.48 -23.07
C PHE A 352 -19.86 -13.61 -22.30
N ASP A 353 -20.77 -14.33 -22.96
CA ASP A 353 -21.61 -15.27 -22.24
C ASP A 353 -20.87 -16.58 -21.99
N ILE A 354 -21.16 -17.17 -20.83
CA ILE A 354 -20.48 -18.38 -20.37
C ILE A 354 -21.43 -19.56 -20.50
N VAL A 355 -20.93 -20.66 -21.04
CA VAL A 355 -21.69 -21.91 -21.13
C VAL A 355 -20.86 -23.01 -20.49
N LEU A 356 -21.40 -23.60 -19.42
CA LEU A 356 -20.79 -24.76 -18.77
C LEU A 356 -21.92 -25.51 -18.09
N PRO A 357 -21.87 -26.85 -18.08
CA PRO A 357 -23.02 -27.61 -17.57
C PRO A 357 -23.36 -27.26 -16.14
N GLU A 358 -24.61 -26.80 -15.94
CA GLU A 358 -25.19 -26.58 -14.62
C GLU A 358 -24.51 -25.46 -13.84
N VAL A 359 -23.87 -24.53 -14.53
CA VAL A 359 -23.29 -23.35 -13.91
C VAL A 359 -24.32 -22.23 -13.96
N SER A 360 -24.57 -21.60 -12.80
CA SER A 360 -25.59 -20.57 -12.69
C SER A 360 -25.02 -19.24 -13.19
N ILE A 361 -25.55 -18.76 -14.31
CA ILE A 361 -25.16 -17.48 -14.90
C ILE A 361 -25.89 -16.37 -14.15
N PRO A 362 -25.30 -15.16 -14.01
CA PRO A 362 -25.93 -14.16 -13.13
C PRO A 362 -27.37 -13.80 -13.48
N ILE A 363 -27.74 -13.78 -14.77
CA ILE A 363 -29.12 -13.42 -15.11
C ILE A 363 -30.11 -14.50 -14.66
N SER A 364 -29.65 -15.74 -14.50
CA SER A 364 -30.50 -16.77 -13.93
C SER A 364 -30.61 -16.65 -12.41
N LEU A 365 -29.94 -15.66 -11.81
CA LEU A 365 -30.02 -15.42 -10.37
C LEU A 365 -30.71 -14.10 -10.07
N GLY A 366 -31.48 -13.56 -11.02
CA GLY A 366 -32.17 -12.31 -10.82
C GLY A 366 -31.32 -11.07 -10.98
N ILE A 367 -30.11 -11.21 -11.49
CA ILE A 367 -29.18 -10.09 -11.65
C ILE A 367 -29.22 -9.68 -13.12
N THR A 368 -30.01 -8.66 -13.45
CA THR A 368 -30.00 -8.18 -14.81
C THR A 368 -29.00 -7.03 -14.96
N ALA A 369 -28.78 -6.60 -16.18
CA ALA A 369 -27.93 -5.45 -16.47
C ALA A 369 -28.71 -4.41 -17.26
N SER A 370 -28.35 -3.15 -17.06
CA SER A 370 -28.95 -2.06 -17.82
C SER A 370 -27.83 -1.20 -18.39
N SER A 371 -28.18 -0.06 -18.98
CA SER A 371 -27.18 0.81 -19.56
C SER A 371 -26.31 1.51 -18.52
N VAL A 372 -26.67 1.45 -17.23
CA VAL A 372 -25.95 2.20 -16.21
C VAL A 372 -25.46 1.30 -15.08
N GLY A 373 -25.55 -0.02 -15.25
CA GLY A 373 -25.05 -0.95 -14.26
C GLY A 373 -26.04 -2.06 -13.98
N ILE A 374 -25.72 -2.89 -12.99
CA ILE A 374 -26.51 -4.09 -12.73
C ILE A 374 -27.72 -3.76 -11.88
N SER A 375 -28.63 -4.73 -11.77
CA SER A 375 -29.86 -4.57 -11.01
C SER A 375 -30.25 -5.89 -10.38
N PHE A 376 -30.79 -5.80 -9.15
CA PHE A 376 -31.25 -6.93 -8.38
C PHE A 376 -32.78 -6.97 -8.28
N ASP A 377 -33.46 -6.23 -9.15
CA ASP A 377 -34.92 -6.14 -9.06
C ASP A 377 -35.57 -7.52 -9.20
N GLU A 378 -35.03 -8.37 -10.07
CA GLU A 378 -35.62 -9.70 -10.25
C GLU A 378 -35.41 -10.57 -9.02
N LEU A 379 -34.14 -10.73 -8.60
CA LEU A 379 -33.85 -11.51 -7.42
C LEU A 379 -34.69 -11.07 -6.23
N ILE A 380 -34.84 -9.76 -6.05
CA ILE A 380 -35.46 -9.22 -4.84
C ILE A 380 -36.99 -9.25 -4.94
N ASN A 381 -37.53 -9.04 -6.13
CA ASN A 381 -38.97 -8.86 -6.31
C ASN A 381 -39.59 -9.73 -7.39
N GLY A 382 -38.80 -10.43 -8.20
CA GLY A 382 -39.37 -11.24 -9.26
C GLY A 382 -40.20 -12.38 -8.71
N ASP A 383 -41.21 -12.78 -9.49
CA ASP A 383 -42.07 -13.90 -9.09
C ASP A 383 -41.34 -15.23 -9.17
N THR A 384 -40.22 -15.29 -9.90
CA THR A 384 -39.44 -16.52 -9.97
C THR A 384 -38.98 -16.94 -8.57
N TYR A 385 -38.57 -15.98 -7.76
CA TYR A 385 -38.01 -16.25 -6.44
C TYR A 385 -38.98 -15.97 -5.31
N GLU A 386 -40.22 -15.56 -5.60
CA GLU A 386 -41.18 -15.31 -4.54
C GLU A 386 -41.31 -16.51 -3.61
N GLU A 387 -41.19 -17.73 -4.15
CA GLU A 387 -41.37 -18.92 -3.34
C GLU A 387 -40.25 -19.06 -2.31
N ARG A 388 -39.00 -18.93 -2.76
CA ARG A 388 -37.88 -19.02 -1.83
C ARG A 388 -37.98 -17.95 -0.74
N ARG A 389 -38.34 -16.72 -1.12
CA ARG A 389 -38.41 -15.63 -0.15
C ARG A 389 -39.50 -15.87 0.88
N SER A 390 -40.70 -16.23 0.41
CA SER A 390 -41.80 -16.49 1.34
C SER A 390 -41.40 -17.46 2.44
N ALA A 391 -40.45 -18.36 2.15
CA ALA A 391 -40.04 -19.37 3.13
C ALA A 391 -39.31 -18.76 4.32
N ILE A 392 -38.68 -17.61 4.13
CA ILE A 392 -37.73 -17.06 5.11
C ILE A 392 -38.46 -16.18 6.11
N PRO A 393 -38.20 -16.32 7.42
CA PRO A 393 -38.86 -15.44 8.40
C PRO A 393 -38.22 -14.06 8.46
N GLY A 394 -39.03 -13.08 8.86
CA GLY A 394 -38.58 -11.73 9.09
C GLY A 394 -38.71 -10.80 7.90
N LEU A 395 -38.71 -11.33 6.68
CA LEU A 395 -38.76 -10.49 5.49
C LEU A 395 -40.02 -9.63 5.46
N ALA A 396 -41.05 -9.99 6.23
CA ALA A 396 -42.32 -9.29 6.15
C ALA A 396 -42.24 -7.88 6.70
N THR A 397 -41.52 -7.67 7.80
CA THR A 397 -41.55 -6.41 8.52
C THR A 397 -40.26 -5.60 8.44
N ASN A 398 -39.16 -6.18 7.96
CA ASN A 398 -37.87 -5.48 7.89
C ASN A 398 -37.29 -5.65 6.50
N ALA A 399 -37.51 -4.65 5.63
CA ALA A 399 -37.14 -4.77 4.23
C ALA A 399 -35.66 -5.13 4.06
N VAL A 400 -34.79 -4.58 4.92
CA VAL A 400 -33.35 -4.79 4.75
C VAL A 400 -33.02 -6.28 4.74
N LEU A 401 -33.81 -7.09 5.44
CA LEU A 401 -33.52 -8.50 5.53
C LEU A 401 -33.64 -9.22 4.18
N LEU A 402 -34.45 -8.68 3.25
CA LEU A 402 -34.45 -9.21 1.89
C LEU A 402 -33.03 -9.39 1.37
N GLY A 403 -32.15 -8.45 1.71
CA GLY A 403 -30.77 -8.55 1.29
C GLY A 403 -29.94 -9.40 2.24
N ILE A 404 -30.22 -9.30 3.53
CA ILE A 404 -29.31 -9.88 4.51
C ILE A 404 -29.60 -11.36 4.72
N SER A 405 -30.87 -11.74 4.72
CA SER A 405 -31.25 -13.12 5.00
C SER A 405 -31.50 -13.93 3.73
N PHE A 406 -31.94 -13.30 2.65
CA PHE A 406 -32.20 -14.00 1.40
C PHE A 406 -31.10 -13.80 0.36
N ALA A 407 -30.90 -12.56 -0.09
CA ALA A 407 -30.13 -12.33 -1.31
C ALA A 407 -28.66 -12.70 -1.14
N ILE A 408 -28.00 -12.16 -0.11
CA ILE A 408 -26.57 -12.39 0.04
C ILE A 408 -26.26 -13.86 0.30
N PRO A 409 -26.90 -14.53 1.27
CA PRO A 409 -26.65 -15.97 1.42
C PRO A 409 -26.89 -16.76 0.15
N PHE A 410 -27.93 -16.40 -0.59
CA PHE A 410 -28.26 -17.12 -1.81
C PHE A 410 -27.14 -16.98 -2.85
N LEU A 411 -26.73 -15.74 -3.14
CA LEU A 411 -25.67 -15.53 -4.11
C LEU A 411 -24.38 -16.20 -3.68
N ILE A 412 -24.08 -16.18 -2.37
CA ILE A 412 -22.86 -16.81 -1.89
C ILE A 412 -22.90 -18.32 -2.11
N SER A 413 -24.05 -18.94 -1.81
CA SER A 413 -24.16 -20.38 -2.00
C SER A 413 -24.06 -20.76 -3.48
N LYS A 414 -24.67 -19.95 -4.35
CA LYS A 414 -24.58 -20.26 -5.78
C LYS A 414 -23.16 -20.08 -6.30
N ALA A 415 -22.41 -19.11 -5.75
CA ALA A 415 -21.03 -18.94 -6.18
C ALA A 415 -20.15 -20.09 -5.70
N GLU A 416 -20.40 -20.60 -4.49
CA GLU A 416 -19.70 -21.80 -4.04
C GLU A 416 -20.00 -22.98 -4.96
N GLU A 417 -21.28 -23.19 -5.29
CA GLU A 417 -21.67 -24.22 -6.25
C GLU A 417 -20.88 -24.08 -7.55
N ASN A 418 -20.88 -22.87 -8.12
CA ASN A 418 -20.21 -22.66 -9.40
C ASN A 418 -18.73 -23.00 -9.33
N LYS A 419 -18.06 -22.58 -8.25
CA LYS A 419 -16.62 -22.83 -8.20
C LYS A 419 -16.32 -24.31 -8.04
N LEU A 420 -17.16 -25.03 -7.29
CA LEU A 420 -16.98 -26.49 -7.22
C LEU A 420 -17.15 -27.11 -8.60
N ILE A 421 -18.20 -26.72 -9.32
CA ILE A 421 -18.45 -27.28 -10.65
C ILE A 421 -17.24 -27.04 -11.56
N ILE A 422 -16.73 -25.81 -11.56
CA ILE A 422 -15.65 -25.48 -12.47
C ILE A 422 -14.38 -26.26 -12.11
N ASN A 423 -14.08 -26.38 -10.81
CA ASN A 423 -12.90 -27.14 -10.41
C ASN A 423 -13.03 -28.60 -10.80
N ASN A 424 -14.24 -29.15 -10.72
CA ASN A 424 -14.45 -30.52 -11.17
C ASN A 424 -14.37 -30.63 -12.69
N LEU A 425 -14.61 -29.54 -13.42
CA LEU A 425 -14.64 -29.61 -14.87
C LEU A 425 -13.31 -29.27 -15.54
N VAL A 426 -12.34 -28.66 -14.85
CA VAL A 426 -11.12 -28.29 -15.55
C VAL A 426 -9.84 -28.64 -14.79
N GLY A 427 -9.96 -28.96 -13.51
CA GLY A 427 -8.80 -29.42 -12.75
C GLY A 427 -7.91 -28.32 -12.21
N SER A 428 -6.63 -28.33 -12.56
CA SER A 428 -5.64 -27.45 -11.93
C SER A 428 -4.70 -26.89 -13.01
N ASP A 429 -3.64 -26.21 -12.56
CA ASP A 429 -2.94 -25.22 -13.36
C ASP A 429 -1.76 -25.80 -14.14
N GLU A 430 -1.19 -24.95 -14.99
CA GLU A 430 -0.06 -25.30 -15.85
C GLU A 430 0.73 -24.04 -16.16
N ASN A 431 2.03 -24.04 -15.87
CA ASN A 431 2.89 -22.92 -16.18
C ASN A 431 4.27 -23.45 -16.56
N ILE A 432 5.18 -22.54 -16.91
CA ILE A 432 6.52 -22.93 -17.33
C ILE A 432 7.12 -23.83 -16.26
N LEU A 433 7.21 -25.12 -16.57
CA LEU A 433 7.65 -26.14 -15.62
C LEU A 433 9.16 -26.29 -15.65
N ASN A 436 10.91 -28.99 -17.38
CA ASN A 436 10.09 -29.99 -18.08
C ASN A 436 9.50 -29.42 -19.36
N ASN A 437 9.04 -28.17 -19.28
CA ASN A 437 8.26 -27.57 -20.36
C ASN A 437 8.97 -26.43 -21.09
N LEU A 438 10.15 -26.03 -20.64
CA LEU A 438 10.81 -24.88 -21.26
C LEU A 438 11.17 -25.17 -22.71
N GLY A 439 11.74 -26.35 -22.99
CA GLY A 439 12.14 -26.67 -24.35
C GLY A 439 10.98 -26.60 -25.33
N ASP A 440 9.87 -27.25 -24.97
CA ASP A 440 8.70 -27.25 -25.85
C ASP A 440 8.20 -25.83 -26.10
N PHE A 441 8.02 -25.05 -25.04
CA PHE A 441 7.54 -23.68 -25.17
C PHE A 441 8.47 -22.85 -26.02
N LEU A 442 9.78 -22.99 -25.81
CA LEU A 442 10.75 -22.16 -26.53
C LEU A 442 10.79 -22.51 -28.02
N GLU A 443 10.80 -23.80 -28.34
CA GLU A 443 10.67 -24.20 -29.73
C GLU A 443 9.32 -23.78 -30.30
N LYS A 444 8.32 -23.58 -29.44
CA LYS A 444 6.97 -23.23 -29.90
C LYS A 444 6.87 -21.77 -30.32
N TYR A 445 7.60 -20.87 -29.64
CA TYR A 445 7.59 -19.46 -29.97
C TYR A 445 8.92 -19.01 -30.59
N ASN A 446 9.59 -19.93 -31.29
CA ASN A 446 10.76 -19.59 -32.12
C ASN A 446 11.80 -18.80 -31.33
N ILE A 447 12.06 -19.24 -30.10
CA ILE A 447 12.89 -18.48 -29.18
C ILE A 447 13.98 -19.39 -28.61
N SER A 448 14.94 -18.76 -27.94
CA SER A 448 16.01 -19.47 -27.25
C SER A 448 16.37 -18.66 -26.00
N GLU A 449 17.17 -19.28 -25.12
CA GLU A 449 17.52 -18.62 -23.87
C GLU A 449 18.13 -17.24 -24.12
N SER A 450 19.06 -17.15 -25.07
CA SER A 450 19.69 -15.88 -25.39
C SER A 450 18.65 -14.80 -25.74
N ASP A 451 17.53 -15.21 -26.36
CA ASP A 451 16.50 -14.25 -26.70
C ASP A 451 15.94 -13.55 -25.46
N ILE A 452 15.86 -14.27 -24.35
CA ILE A 452 15.42 -13.68 -23.09
C ILE A 452 16.53 -12.78 -22.59
N PRO A 453 16.36 -11.45 -22.62
CA PRO A 453 17.47 -10.57 -22.25
C PRO A 453 17.98 -10.87 -20.85
N GLU A 454 19.28 -11.10 -20.74
CA GLU A 454 19.92 -11.09 -19.43
C GLU A 454 19.92 -9.67 -18.91
N ASN A 455 19.17 -9.43 -17.84
CA ASN A 455 18.86 -8.07 -17.39
C ASN A 455 17.81 -7.45 -18.31
N GLY A 456 16.56 -7.87 -18.17
CA GLY A 456 15.48 -7.38 -19.01
C GLY A 456 14.39 -8.42 -19.14
N SER A 457 13.58 -8.27 -20.18
CA SER A 457 12.43 -9.16 -20.40
C SER A 457 12.15 -9.26 -21.90
N LEU A 458 11.31 -10.24 -22.26
CA LEU A 458 10.95 -10.48 -23.66
C LEU A 458 9.45 -10.66 -23.77
N VAL A 459 8.80 -9.84 -24.61
CA VAL A 459 7.35 -9.89 -24.76
C VAL A 459 6.98 -10.83 -25.89
N ILE A 460 6.08 -11.77 -25.60
CA ILE A 460 5.48 -12.64 -26.59
C ILE A 460 3.97 -12.43 -26.57
N ASN A 461 3.31 -12.95 -27.59
CA ASN A 461 1.85 -13.03 -27.62
C ASN A 461 1.45 -14.50 -27.76
N LEU A 462 0.67 -14.98 -26.82
CA LEU A 462 0.28 -16.38 -26.81
C LEU A 462 -0.60 -16.69 -28.01
N LYS A 463 -0.30 -17.79 -28.71
CA LYS A 463 -1.04 -18.13 -29.92
C LYS A 463 -2.52 -18.35 -29.63
N ASN A 464 -2.86 -18.79 -28.42
CA ASN A 464 -4.24 -19.12 -28.10
C ASN A 464 -5.12 -17.89 -28.02
N THR A 465 -4.95 -17.10 -26.95
CA THR A 465 -5.84 -15.99 -26.66
C THR A 465 -5.29 -14.64 -27.10
N ASN A 466 -4.06 -14.59 -27.62
CA ASN A 466 -3.44 -13.33 -27.99
C ASN A 466 -3.32 -12.42 -26.77
N VAL A 467 -2.84 -12.99 -25.67
CA VAL A 467 -2.60 -12.26 -24.43
C VAL A 467 -1.10 -11.97 -24.35
N PRO A 468 -0.69 -10.71 -24.24
CA PRO A 468 0.75 -10.42 -24.13
C PRO A 468 1.32 -10.98 -22.83
N VAL A 469 2.50 -11.57 -22.92
CA VAL A 469 3.17 -12.20 -21.79
C VAL A 469 4.64 -11.81 -21.85
N ARG A 470 5.31 -11.92 -20.70
CA ARG A 470 6.65 -11.38 -20.53
C ARG A 470 7.55 -12.45 -19.92
N LEU A 471 8.59 -12.83 -20.65
CA LEU A 471 9.54 -13.84 -20.21
C LEU A 471 10.72 -13.17 -19.52
N VAL A 472 11.11 -13.72 -18.37
CA VAL A 472 12.25 -13.20 -17.62
C VAL A 472 13.01 -14.35 -16.98
N LYS A 473 14.29 -14.09 -16.69
CA LYS A 473 15.15 -15.05 -16.01
C LYS A 473 15.26 -14.64 -14.54
N LEU A 474 14.73 -15.46 -13.65
CA LEU A 474 14.75 -15.15 -12.23
C LEU A 474 16.17 -15.14 -11.68
N ASN A 475 16.55 -14.03 -11.06
CA ASN A 475 17.91 -13.91 -10.52
C ASN A 475 18.07 -14.67 -9.21
N ASP A 476 17.00 -14.80 -8.42
CA ASP A 476 17.12 -15.45 -7.11
C ASP A 476 17.19 -16.97 -7.22
N GLU A 477 16.74 -17.55 -8.33
CA GLU A 477 16.77 -18.99 -8.53
C GLU A 477 17.66 -19.39 -9.69
N GLU A 478 18.72 -18.61 -9.92
CA GLU A 478 19.80 -18.97 -10.83
C GLU A 478 19.31 -19.07 -12.28
N GLY A 479 18.63 -18.02 -12.73
CA GLY A 479 18.27 -17.87 -14.11
C GLY A 479 17.03 -18.62 -14.56
N GLU A 480 16.35 -19.32 -13.67
CA GLU A 480 15.13 -20.02 -14.06
C GLU A 480 14.22 -19.07 -14.83
N ILE A 481 13.82 -19.50 -16.01
CA ILE A 481 12.96 -18.68 -16.86
C ILE A 481 11.52 -18.86 -16.42
N VAL A 482 10.75 -17.76 -16.48
CA VAL A 482 9.33 -17.79 -16.19
C VAL A 482 8.60 -16.82 -17.08
N ALA A 483 7.30 -17.03 -17.20
CA ALA A 483 6.38 -16.19 -17.97
C ALA A 483 5.47 -15.47 -16.98
N ILE A 484 5.43 -14.14 -17.05
CA ILE A 484 4.69 -13.32 -16.11
C ILE A 484 3.90 -12.27 -16.88
N LYS A 485 3.11 -11.51 -16.13
CA LYS A 485 2.33 -10.41 -16.65
C LYS A 485 2.21 -9.36 -15.55
N GLY A 486 2.18 -8.10 -15.96
CA GLY A 486 2.21 -7.01 -14.99
C GLY A 486 0.89 -6.88 -14.24
N SER A 487 0.99 -6.60 -12.95
CA SER A 487 -0.19 -6.40 -12.12
C SER A 487 -0.58 -4.94 -12.13
N THR A 488 -1.61 -4.60 -11.36
CA THR A 488 -1.99 -3.21 -11.17
C THR A 488 -1.08 -2.49 -10.17
N LEU A 489 -0.20 -3.22 -9.49
CA LEU A 489 0.73 -2.64 -8.53
C LEU A 489 2.11 -2.52 -9.15
N SER A 490 2.78 -1.39 -8.89
CA SER A 490 4.07 -1.13 -9.53
C SER A 490 5.12 -2.08 -8.99
N GLY A 491 5.86 -2.73 -9.89
CA GLY A 491 6.89 -3.66 -9.51
C GLY A 491 6.42 -5.04 -9.13
N ILE A 492 5.14 -5.33 -9.33
CA ILE A 492 4.58 -6.64 -9.02
C ILE A 492 4.08 -7.26 -10.31
N TYR A 493 4.38 -8.55 -10.49
CA TYR A 493 3.97 -9.33 -11.64
C TYR A 493 3.45 -10.67 -11.15
N TYR A 494 2.65 -11.32 -11.99
CA TYR A 494 2.14 -12.65 -11.68
C TYR A 494 2.52 -13.61 -12.80
N GLU A 495 3.05 -14.77 -12.43
CA GLU A 495 3.19 -15.85 -13.40
C GLU A 495 1.82 -16.18 -13.98
N VAL A 496 1.80 -16.62 -15.23
CA VAL A 496 0.54 -16.82 -15.94
C VAL A 496 0.44 -18.27 -16.42
N ASP A 497 -0.78 -18.65 -16.75
CA ASP A 497 -1.02 -19.92 -17.44
C ASP A 497 -0.42 -19.85 -18.84
N THR A 498 0.37 -20.86 -19.20
CA THR A 498 1.07 -20.82 -20.48
C THR A 498 0.11 -20.98 -21.65
N GLU A 499 -1.02 -21.66 -21.44
CA GLU A 499 -1.98 -21.87 -22.53
C GLU A 499 -2.89 -20.68 -22.72
N THR A 500 -3.36 -20.07 -21.63
CA THR A 500 -4.36 -19.01 -21.69
C THR A 500 -3.80 -17.61 -21.44
N GLY A 501 -2.84 -17.47 -20.54
CA GLY A 501 -2.32 -16.17 -20.15
C GLY A 501 -2.96 -15.57 -18.92
N TYR A 502 -3.77 -16.34 -18.20
CA TYR A 502 -4.44 -15.85 -17.00
C TYR A 502 -3.46 -15.78 -15.85
N GLU A 503 -3.51 -14.68 -15.09
CA GLU A 503 -2.55 -14.46 -14.02
C GLU A 503 -2.78 -15.43 -12.88
N ILE A 504 -1.70 -15.91 -12.28
CA ILE A 504 -1.75 -16.80 -11.13
C ILE A 504 -1.33 -15.99 -9.90
N LEU A 505 -2.31 -15.46 -9.16
CA LEU A 505 -2.01 -14.56 -8.06
C LEU A 505 -1.21 -15.22 -6.94
N SER A 506 -1.17 -16.56 -6.90
CA SER A 506 -0.34 -17.23 -5.91
C SER A 506 1.13 -16.97 -6.16
N ARG A 507 1.54 -16.88 -7.42
CA ARG A 507 2.94 -16.85 -7.80
C ARG A 507 3.30 -15.43 -8.24
N ARG A 508 3.89 -14.66 -7.32
CA ARG A 508 4.26 -13.28 -7.59
C ARG A 508 5.75 -13.18 -7.90
N VAL A 509 6.07 -12.23 -8.77
CA VAL A 509 7.44 -11.93 -9.15
C VAL A 509 7.65 -10.43 -9.02
N PHE A 510 8.77 -10.03 -8.43
CA PHE A 510 9.04 -8.63 -8.15
C PHE A 510 10.18 -8.14 -9.04
N ARG A 511 10.01 -6.93 -9.56
CA ARG A 511 10.97 -6.28 -10.46
C ARG A 511 11.68 -5.18 -9.68
N THR A 512 12.97 -5.39 -9.41
CA THR A 512 13.81 -4.44 -8.69
C THR A 512 14.78 -3.78 -9.66
N GLU A 513 15.06 -2.51 -9.45
CA GLU A 513 16.10 -1.80 -10.18
C GLU A 513 17.21 -1.42 -9.20
N TYR A 514 18.43 -1.85 -9.50
CA TYR A 514 19.53 -1.64 -8.56
C TYR A 514 20.84 -2.00 -9.23
N ASN A 515 21.91 -1.27 -8.87
CA ASN A 515 23.24 -1.50 -9.41
C ASN A 515 23.26 -1.33 -10.93
N GLU A 516 22.40 -0.48 -11.46
CA GLU A 516 22.25 -0.33 -12.91
C GLU A 516 21.86 -1.67 -13.54
N LYS A 517 20.96 -2.39 -12.88
CA LYS A 517 20.50 -3.69 -13.32
C LYS A 517 19.02 -3.85 -13.00
N ILE A 518 18.39 -4.81 -13.66
CA ILE A 518 17.01 -5.19 -13.41
C ILE A 518 17.01 -6.61 -12.88
N TYR A 519 16.52 -6.78 -11.65
CA TYR A 519 16.43 -8.06 -10.98
C TYR A 519 14.97 -8.51 -10.94
N TRP A 520 14.73 -9.79 -11.22
CA TRP A 520 13.42 -10.41 -11.07
C TRP A 520 13.54 -11.48 -10.00
N THR A 521 12.80 -11.31 -8.90
CA THR A 521 12.93 -12.21 -7.77
C THR A 521 11.55 -12.72 -7.36
N ARG A 522 11.54 -13.85 -6.65
CA ARG A 522 10.28 -14.42 -6.21
C ARG A 522 9.89 -13.97 -4.80
N GLY A 523 10.84 -13.85 -3.89
CA GLY A 523 10.51 -13.65 -2.49
C GLY A 523 10.01 -12.24 -2.21
N GLY A 524 10.59 -11.25 -2.86
CA GLY A 524 10.27 -9.87 -2.58
C GLY A 524 11.36 -8.97 -3.14
N GLY A 525 11.14 -7.67 -2.98
CA GLY A 525 12.03 -6.68 -3.54
C GLY A 525 13.08 -6.20 -2.55
N LEU A 526 14.01 -5.40 -3.07
CA LEU A 526 15.02 -4.73 -2.26
C LEU A 526 14.50 -3.33 -1.95
N LYS A 527 14.19 -3.07 -0.68
CA LYS A 527 13.76 -1.74 -0.28
C LYS A 527 14.89 -0.75 -0.55
N GLY A 528 14.65 0.16 -1.49
CA GLY A 528 15.69 1.02 -2.04
C GLY A 528 15.84 0.90 -3.54
N GLY A 529 15.16 -0.06 -4.17
CA GLY A 529 15.25 -0.25 -5.61
C GLY A 529 13.89 -0.35 -6.27
N GLN A 530 12.82 -0.26 -5.49
CA GLN A 530 11.49 -0.26 -6.07
C GLN A 530 11.25 1.04 -6.83
N PRO A 531 10.26 1.07 -7.72
CA PRO A 531 10.00 2.31 -8.47
C PRO A 531 9.63 3.49 -7.58
N PHE A 532 8.96 3.27 -6.46
CA PHE A 532 8.50 4.36 -5.59
C PHE A 532 9.31 4.34 -4.29
N ASN A 533 10.55 4.80 -4.41
CA ASN A 533 11.51 4.78 -3.30
C ASN A 533 11.25 5.96 -2.38
N PHE A 534 11.01 5.68 -1.10
CA PHE A 534 10.75 6.71 -0.11
C PHE A 534 12.01 7.21 0.59
N GLU A 535 13.12 6.47 0.49
CA GLU A 535 14.27 6.71 1.36
C GLU A 535 14.77 8.16 1.29
N GLY A 536 14.51 8.88 0.21
CA GLY A 536 15.13 10.18 0.03
C GLY A 536 14.17 11.35 -0.06
N LEU A 537 13.09 11.32 0.72
CA LEU A 537 12.10 12.39 0.73
C LEU A 537 12.16 13.22 2.00
N ASP A 538 13.18 13.05 2.83
CA ASP A 538 13.30 13.77 4.09
C ASP A 538 12.05 13.59 4.96
N ILE A 539 11.54 12.37 4.99
CA ILE A 539 10.43 12.04 5.88
C ILE A 539 11.01 11.73 7.26
N PRO A 540 10.56 12.41 8.33
CA PRO A 540 11.17 12.15 9.64
C PRO A 540 11.01 10.71 10.10
N VAL A 541 9.87 10.08 9.84
CA VAL A 541 9.62 8.70 10.24
C VAL A 541 9.14 7.94 9.02
N TYR A 542 9.98 7.02 8.54
CA TYR A 542 9.58 6.08 7.49
C TYR A 542 10.17 4.72 7.83
N PHE A 543 9.32 3.70 7.90
CA PHE A 543 9.77 2.34 8.16
C PHE A 543 8.78 1.36 7.56
N ILE A 544 9.17 0.10 7.54
CA ILE A 544 8.35 -0.99 7.01
C ILE A 544 7.70 -1.69 8.19
N ASP A 545 6.37 -1.66 8.25
CA ASP A 545 5.64 -2.30 9.34
C ASP A 545 5.81 -3.82 9.27
N LYS A 546 6.02 -4.43 10.45
CA LYS A 546 6.19 -5.87 10.57
C LYS A 546 4.88 -6.51 11.02
N PRO A 547 4.36 -7.51 10.32
CA PRO A 547 3.15 -8.19 10.80
C PRO A 547 3.44 -9.01 12.05
N TYR A 548 2.38 -9.50 12.66
CA TYR A 548 2.52 -10.27 13.90
C TYR A 548 3.49 -11.42 13.73
N SER A 549 3.45 -12.12 12.59
CA SER A 549 4.28 -13.29 12.36
C SER A 549 5.76 -12.96 12.21
N GLU A 550 6.13 -11.69 12.09
CA GLU A 550 7.52 -11.29 12.01
C GLU A 550 8.02 -10.65 13.30
N LEU A 551 7.26 -10.75 14.37
CA LEU A 551 7.61 -10.20 15.68
C LEU A 551 7.95 -11.33 16.64
N ALA A 552 8.61 -10.97 17.75
CA ALA A 552 9.02 -11.97 18.73
C ALA A 552 7.82 -12.68 19.34
N SER A 553 6.82 -11.90 19.79
CA SER A 553 5.63 -12.46 20.42
C SER A 553 5.07 -13.64 19.64
N SER A 558 1.04 -14.19 17.54
CA SER A 558 -0.09 -15.06 17.21
C SER A 558 0.07 -15.64 15.81
N PHE A 559 1.02 -15.11 15.05
CA PHE A 559 1.44 -15.70 13.79
C PHE A 559 0.45 -15.47 12.65
N VAL A 560 -0.06 -14.25 12.53
CA VAL A 560 -0.77 -13.82 11.31
C VAL A 560 0.18 -12.90 10.54
N ASN A 561 0.05 -12.93 9.21
CA ASN A 561 0.99 -12.23 8.35
C ASN A 561 0.34 -11.12 7.52
N ASP A 562 -0.94 -10.81 7.76
CA ASP A 562 -1.63 -9.77 7.01
C ASP A 562 -2.21 -8.69 7.92
N ASP A 563 -1.66 -8.54 9.13
CA ASP A 563 -2.09 -7.53 10.07
C ASP A 563 -0.96 -7.29 11.06
N SER A 564 -1.10 -6.25 11.87
CA SER A 564 -0.02 -5.85 12.77
C SER A 564 -0.61 -5.05 13.92
N PRO A 565 0.14 -4.91 15.03
CA PRO A 565 -0.33 -4.06 16.13
C PRO A 565 0.28 -2.66 16.09
N LEU A 566 0.49 -2.15 14.87
CA LEU A 566 1.09 -0.83 14.72
C LEU A 566 0.28 0.23 15.46
N LEU A 567 -1.05 0.13 15.44
CA LEU A 567 -1.92 1.17 15.96
C LEU A 567 -2.86 0.70 17.06
N PHE A 568 -3.19 -0.59 17.11
CA PHE A 568 -4.04 -1.14 18.16
C PHE A 568 -3.30 -2.30 18.80
N PRO A 569 -3.28 -2.40 20.16
CA PRO A 569 -3.91 -1.55 21.17
C PRO A 569 -3.20 -0.22 21.40
N GLU A 570 -1.88 -0.27 21.46
CA GLU A 570 -1.06 0.91 21.74
C GLU A 570 -0.44 1.40 20.45
N MET A 571 -0.75 2.64 20.07
CA MET A 571 -0.14 3.24 18.89
C MET A 571 1.37 3.29 19.06
N ASP A 572 2.08 2.84 18.03
CA ASP A 572 3.54 2.77 18.09
C ASP A 572 4.11 4.09 18.58
N SER A 573 5.10 4.01 19.48
CA SER A 573 5.68 5.21 20.06
C SER A 573 6.42 6.04 19.01
N ARG A 574 6.93 5.40 17.96
CA ARG A 574 7.58 6.12 16.88
C ARG A 574 6.65 7.10 16.19
N LEU A 575 5.34 6.87 16.26
CA LEU A 575 4.41 7.69 15.51
C LEU A 575 3.82 8.79 16.37
N PRO A 576 3.62 9.98 15.82
CA PRO A 576 2.95 11.04 16.58
C PRO A 576 1.50 10.68 16.84
N LYS A 577 0.97 11.20 17.94
CA LYS A 577 -0.42 10.86 18.23
C LYS A 577 -1.34 11.91 17.60
N PRO A 578 -2.51 11.50 17.11
CA PRO A 578 -3.38 12.43 16.38
C PRO A 578 -4.17 13.33 17.32
N THR A 579 -4.58 14.46 16.77
CA THR A 579 -5.39 15.40 17.55
C THR A 579 -6.76 14.81 17.82
N PRO A 580 -7.28 14.93 19.05
CA PRO A 580 -8.62 14.40 19.33
C PRO A 580 -9.69 15.10 18.50
N GLU A 581 -10.73 14.33 18.16
CA GLU A 581 -11.80 14.87 17.34
C GLU A 581 -12.44 16.10 17.97
N LEU A 582 -12.61 16.09 19.31
CA LEU A 582 -13.23 17.23 19.98
C LEU A 582 -12.39 18.49 19.84
N ASP A 583 -11.06 18.36 19.96
CA ASP A 583 -10.19 19.52 19.77
C ASP A 583 -10.27 20.03 18.34
N ILE A 584 -10.32 19.12 17.36
CA ILE A 584 -10.38 19.56 15.96
C ILE A 584 -11.68 20.30 15.68
N LYS A 585 -12.80 19.78 16.21
CA LYS A 585 -14.08 20.44 15.98
C LYS A 585 -14.11 21.79 16.69
N TYR A 586 -13.55 21.88 17.89
CA TYR A 586 -13.48 23.17 18.58
C TYR A 586 -12.64 24.17 17.77
N TYR A 587 -11.51 23.72 17.23
CA TYR A 587 -10.64 24.62 16.46
C TYR A 587 -11.35 25.11 15.21
N SER A 588 -11.98 24.21 14.45
CA SER A 588 -12.61 24.62 13.20
C SER A 588 -13.86 25.44 13.44
N SER A 589 -14.54 25.26 14.59
CA SER A 589 -15.73 26.03 14.88
C SER A 589 -15.39 27.45 15.35
N ASN A 590 -14.20 27.64 15.92
CA ASN A 590 -13.74 28.97 16.31
C ASN A 590 -12.61 29.39 15.37
N LEU A 591 -12.93 29.46 14.07
CA LEU A 591 -11.90 29.57 13.05
C LEU A 591 -11.15 30.89 13.15
N SER A 592 -11.86 31.98 13.45
CA SER A 592 -11.20 33.28 13.57
C SER A 592 -10.05 33.25 14.57
N SER A 593 -10.09 32.36 15.55
CA SER A 593 -9.10 32.33 16.61
C SER A 593 -7.96 31.35 16.34
N PHE A 594 -8.25 30.19 15.75
CA PHE A 594 -7.26 29.14 15.54
C PHE A 594 -6.99 28.88 14.07
N LYS A 595 -7.14 29.91 13.22
CA LYS A 595 -7.01 29.73 11.79
C LYS A 595 -5.62 29.20 11.42
N GLU A 596 -4.58 29.65 12.13
CA GLU A 596 -3.20 29.30 11.79
C GLU A 596 -2.67 28.13 12.59
N ASP A 597 -3.40 27.66 13.60
CA ASP A 597 -2.98 26.50 14.37
C ASP A 597 -3.10 25.22 13.52
N THR A 598 -2.49 24.14 14.01
CA THR A 598 -2.34 22.92 13.24
C THR A 598 -2.86 21.72 14.01
N VAL A 599 -3.35 20.72 13.27
CA VAL A 599 -3.74 19.43 13.82
C VAL A 599 -2.96 18.33 13.11
N ILE A 600 -2.94 17.16 13.74
CA ILE A 600 -2.26 15.98 13.21
C ILE A 600 -3.33 14.96 12.81
N LEU A 601 -3.33 14.57 11.54
CA LEU A 601 -4.36 13.71 10.96
C LEU A 601 -3.73 12.51 10.27
N MET A 602 -4.55 11.48 10.06
CA MET A 602 -4.10 10.20 9.51
C MET A 602 -4.91 9.83 8.27
N ARG A 603 -4.37 8.89 7.50
CA ARG A 603 -5.06 8.43 6.30
C ARG A 603 -4.44 7.14 5.82
N GLY A 604 -5.26 6.25 5.29
CA GLY A 604 -4.78 5.06 4.59
C GLY A 604 -4.76 5.36 3.09
N THR A 605 -3.65 5.00 2.46
CA THR A 605 -3.46 5.33 1.05
C THR A 605 -2.76 4.20 0.33
N THR A 606 -2.81 4.28 -1.00
CA THR A 606 -2.00 3.47 -1.88
C THR A 606 -0.54 3.91 -1.80
N GLU A 607 0.35 3.04 -2.29
CA GLU A 607 1.77 3.39 -2.34
C GLU A 607 2.00 4.69 -3.12
N GLU A 608 1.30 4.86 -4.24
CA GLU A 608 1.55 6.02 -5.10
C GLU A 608 0.97 7.30 -4.51
N GLU A 609 -0.21 7.24 -3.90
CA GLU A 609 -0.74 8.39 -3.18
C GLU A 609 0.20 8.80 -2.06
N ALA A 610 0.68 7.83 -1.28
CA ALA A 610 1.63 8.13 -0.21
C ALA A 610 2.87 8.79 -0.77
N TRP A 611 3.38 8.28 -1.89
CA TRP A 611 4.60 8.84 -2.45
C TRP A 611 4.37 10.27 -2.94
N ASN A 612 3.22 10.54 -3.57
CA ASN A 612 2.92 11.89 -4.02
C ASN A 612 2.75 12.85 -2.85
N ILE A 613 2.11 12.40 -1.77
CA ILE A 613 1.95 13.26 -0.61
C ILE A 613 3.30 13.59 0.01
N ALA A 614 4.13 12.56 0.21
CA ALA A 614 5.45 12.78 0.79
C ALA A 614 6.32 13.64 -0.13
N ASN A 615 6.08 13.59 -1.44
CA ASN A 615 6.93 14.30 -2.38
C ASN A 615 6.51 15.76 -2.52
N TYR A 616 5.25 16.01 -2.88
CA TYR A 616 4.75 17.36 -3.08
C TYR A 616 4.26 18.03 -1.80
N LYS A 617 4.21 17.30 -0.69
CA LYS A 617 3.81 17.87 0.59
C LYS A 617 2.46 18.57 0.50
N THR A 618 1.51 17.91 -0.16
CA THR A 618 0.14 18.41 -0.25
C THR A 618 -0.83 17.31 0.17
N ALA A 619 -2.01 17.74 0.63
CA ALA A 619 -2.97 16.81 1.21
C ALA A 619 -3.33 15.70 0.22
N GLY A 620 -3.49 16.05 -1.05
CA GLY A 620 -3.83 15.09 -2.08
C GLY A 620 -2.70 14.73 -3.00
N GLY A 621 -1.46 15.07 -2.65
CA GLY A 621 -0.35 14.85 -3.55
C GLY A 621 -0.44 15.61 -4.83
N SER A 622 -1.21 16.70 -4.86
CA SER A 622 -1.44 17.44 -6.10
C SER A 622 -0.21 18.25 -6.47
N ASN A 623 0.17 18.16 -7.75
CA ASN A 623 1.27 18.97 -8.26
C ASN A 623 0.90 20.44 -8.31
N LYS A 624 -0.39 20.74 -8.49
CA LYS A 624 -0.83 22.08 -8.84
C LYS A 624 -0.70 23.04 -7.64
N ASP A 625 -0.80 24.33 -7.94
CA ASP A 625 -0.82 25.36 -6.91
C ASP A 625 -2.24 25.53 -6.38
N LEU A 626 -2.36 26.29 -5.28
CA LEU A 626 -3.63 26.37 -4.57
C LEU A 626 -4.21 27.77 -4.51
N GLU A 627 -3.65 28.61 -3.66
CA GLU A 627 -4.44 29.64 -2.99
C GLU A 627 -4.49 30.97 -3.73
N GLU A 628 -5.51 31.74 -3.39
CA GLU A 628 -5.56 33.19 -3.62
C GLU A 628 -5.93 33.85 -2.29
N ASN A 629 -5.10 33.60 -1.28
CA ASN A 629 -5.50 33.80 0.12
C ASN A 629 -6.70 32.91 0.44
N PHE A 630 -6.50 31.61 0.24
CA PHE A 630 -7.60 30.65 0.19
C PHE A 630 -8.52 30.78 1.41
N ILE A 631 -9.81 30.61 1.16
CA ILE A 631 -10.84 30.68 2.20
C ILE A 631 -11.81 29.53 1.97
N GLU A 632 -11.95 28.65 2.97
CA GLU A 632 -12.89 27.54 2.86
C GLU A 632 -14.30 28.07 2.62
N ALA A 633 -15.07 27.31 1.84
CA ALA A 633 -16.41 27.75 1.44
C ALA A 633 -17.24 26.61 0.87
N GLY A 634 -16.98 25.38 1.30
CA GLY A 634 -17.69 24.23 0.79
C GLY A 634 -17.19 23.81 -0.57
N PRO A 635 -18.00 23.04 -1.29
CA PRO A 635 -17.62 22.66 -2.65
C PRO A 635 -17.41 23.87 -3.54
N GLN A 636 -16.49 23.73 -4.49
CA GLN A 636 -16.16 24.79 -5.42
C GLN A 636 -15.82 24.16 -6.76
N PHE A 637 -16.17 24.85 -7.85
CA PHE A 637 -15.89 24.33 -9.18
C PHE A 637 -14.41 24.03 -9.33
N ASN A 638 -14.10 22.79 -9.72
CA ASN A 638 -12.75 22.35 -10.05
C ASN A 638 -11.87 22.21 -8.82
N LEU A 639 -12.46 22.05 -7.64
CA LEU A 639 -11.72 21.91 -6.38
C LEU A 639 -11.99 20.52 -5.82
N SER A 640 -10.97 19.67 -5.81
CA SER A 640 -11.11 18.30 -5.35
C SER A 640 -10.44 18.13 -3.98
N PHE A 641 -10.93 17.14 -3.23
CA PHE A 641 -10.60 16.99 -1.82
C PHE A 641 -10.08 15.59 -1.53
N SER A 642 -9.08 15.52 -0.67
CA SER A 642 -8.70 14.29 0.01
C SER A 642 -9.39 14.24 1.36
N GLU A 643 -9.44 13.05 1.95
CA GLU A 643 -10.16 12.86 3.20
C GLU A 643 -9.27 12.17 4.21
N TYR A 644 -9.03 12.82 5.33
CA TYR A 644 -8.21 12.31 6.41
C TYR A 644 -9.09 12.00 7.61
N THR A 645 -8.51 11.35 8.61
CA THR A 645 -9.28 10.84 9.73
C THR A 645 -8.52 11.09 11.02
N SER A 646 -9.28 11.13 12.12
CA SER A 646 -8.72 11.22 13.45
C SER A 646 -8.85 9.92 14.24
N SER A 647 -9.62 8.95 13.74
CA SER A 647 -9.82 7.70 14.45
C SER A 647 -8.67 6.74 14.18
N ILE A 648 -8.08 6.22 15.25
CA ILE A 648 -7.00 5.25 15.10
C ILE A 648 -7.54 3.95 14.50
N ASN A 649 -8.75 3.55 14.90
CA ASN A 649 -9.34 2.33 14.35
C ASN A 649 -9.52 2.44 12.85
N SER A 650 -10.03 3.57 12.37
CA SER A 650 -10.27 3.76 10.94
C SER A 650 -8.95 3.77 10.17
N ALA A 651 -7.95 4.49 10.67
CA ALA A 651 -6.65 4.54 9.99
C ALA A 651 -6.03 3.15 9.96
N ASP A 652 -6.16 2.40 11.04
CA ASP A 652 -5.67 1.02 11.07
C ASP A 652 -6.32 0.19 9.98
N THR A 653 -7.65 0.24 9.92
CA THR A 653 -8.38 -0.58 8.95
C THR A 653 -8.08 -0.15 7.51
N ALA A 654 -7.84 1.15 7.29
CA ALA A 654 -7.65 1.66 5.94
C ALA A 654 -6.23 1.45 5.44
N SER A 655 -5.25 1.50 6.33
CA SER A 655 -3.86 1.39 5.94
C SER A 655 -3.37 -0.05 5.94
N ARG A 656 -4.12 -0.97 6.55
CA ARG A 656 -3.75 -2.38 6.55
C ARG A 656 -3.50 -2.84 5.13
N LYS A 657 -2.39 -3.55 4.92
CA LYS A 657 -1.99 -4.05 3.61
C LYS A 657 -1.75 -2.93 2.61
N HIS A 658 -1.56 -1.70 3.09
CA HIS A 658 -1.24 -0.58 2.22
C HIS A 658 -0.33 0.41 2.96
N PHE A 659 -0.60 1.70 2.87
CA PHE A 659 0.24 2.71 3.52
C PHE A 659 -0.56 3.53 4.51
N LEU A 660 0.11 3.90 5.60
CA LEU A 660 -0.40 4.87 6.57
C LEU A 660 0.35 6.18 6.38
N VAL A 661 -0.39 7.28 6.34
CA VAL A 661 0.18 8.62 6.22
C VAL A 661 -0.32 9.44 7.40
N ILE A 662 0.60 10.20 8.01
CA ILE A 662 0.29 11.10 9.11
C ILE A 662 0.80 12.48 8.74
N ILE A 663 -0.07 13.48 8.83
CA ILE A 663 0.24 14.83 8.38
C ILE A 663 -0.06 15.84 9.48
N LYS A 664 0.59 16.99 9.39
CA LYS A 664 0.31 18.17 10.19
C LYS A 664 -0.24 19.23 9.24
N VAL A 665 -1.43 19.76 9.55
CA VAL A 665 -2.11 20.64 8.62
C VAL A 665 -2.80 21.78 9.39
N GLN A 666 -2.81 22.96 8.78
CA GLN A 666 -3.43 24.12 9.39
C GLN A 666 -4.96 24.02 9.33
N VAL A 667 -5.61 24.55 10.37
CA VAL A 667 -7.06 24.39 10.50
C VAL A 667 -7.80 25.04 9.35
N LYS A 668 -7.21 26.04 8.69
CA LYS A 668 -7.95 26.78 7.66
C LYS A 668 -8.25 25.92 6.44
N TYR A 669 -7.53 24.81 6.25
CA TYR A 669 -7.72 23.97 5.08
C TYR A 669 -8.72 22.84 5.29
N ILE A 670 -9.08 22.53 6.53
CA ILE A 670 -9.86 21.35 6.82
C ILE A 670 -11.33 21.73 7.01
N SER A 671 -12.21 20.75 6.78
CA SER A 671 -13.65 20.98 6.83
C SER A 671 -14.38 19.66 6.99
N ASN A 672 -15.35 19.62 7.90
CA ASN A 672 -16.25 18.48 8.04
C ASN A 672 -17.70 18.88 7.83
N ASP A 673 -17.96 20.04 7.21
CA ASP A 673 -19.32 20.53 7.09
C ASP A 673 -20.23 19.53 6.39
N ASN A 674 -19.71 18.80 5.42
CA ASN A 674 -20.51 17.88 4.61
C ASN A 674 -20.02 16.44 4.74
N VAL A 675 -19.51 16.08 5.92
CA VAL A 675 -19.12 14.71 6.21
C VAL A 675 -20.20 14.12 7.12
N LEU A 676 -20.81 13.02 6.68
CA LEU A 676 -21.96 12.46 7.38
C LEU A 676 -21.60 11.37 8.37
N TYR A 677 -20.34 10.96 8.43
CA TYR A 677 -19.86 10.00 9.42
C TYR A 677 -18.78 10.64 10.27
N ALA A 678 -18.42 9.95 11.34
CA ALA A 678 -17.59 10.56 12.37
C ALA A 678 -16.11 10.54 12.00
N ASN A 679 -15.38 11.50 12.56
CA ASN A 679 -13.93 11.43 12.67
C ASN A 679 -13.22 11.59 11.33
N HIS A 680 -13.85 12.29 10.38
CA HIS A 680 -13.28 12.45 9.05
C HIS A 680 -13.37 13.89 8.59
N TRP A 681 -12.33 14.32 7.87
CA TRP A 681 -12.14 15.72 7.52
C TRP A 681 -11.66 15.84 6.09
N ALA A 682 -12.27 16.75 5.33
CA ALA A 682 -11.87 17.01 3.96
C ALA A 682 -10.79 18.08 3.92
N ILE A 683 -9.85 17.91 3.00
CA ILE A 683 -8.74 18.85 2.78
C ILE A 683 -8.53 19.00 1.28
N PRO A 684 -8.48 20.21 0.73
CA PRO A 684 -8.19 20.34 -0.70
C PRO A 684 -6.93 19.57 -1.09
N ASP A 685 -6.94 19.02 -2.30
CA ASP A 685 -5.80 18.23 -2.77
C ASP A 685 -4.52 19.06 -2.82
N GLU A 686 -4.64 20.33 -3.18
CA GLU A 686 -3.48 21.21 -3.28
C GLU A 686 -3.06 21.80 -1.94
N ALA A 687 -3.80 21.53 -0.88
CA ALA A 687 -3.53 22.15 0.41
C ALA A 687 -2.17 21.72 0.94
N PRO A 688 -1.34 22.65 1.40
CA PRO A 688 -0.02 22.27 1.91
C PRO A 688 -0.12 21.55 3.24
N VAL A 689 0.73 20.55 3.43
CA VAL A 689 0.78 19.77 4.66
C VAL A 689 2.23 19.47 4.99
N GLU A 690 2.46 19.08 6.24
CA GLU A 690 3.77 18.57 6.66
C GLU A 690 3.66 17.08 6.91
N VAL A 691 4.43 16.30 6.15
CA VAL A 691 4.36 14.84 6.26
C VAL A 691 5.20 14.41 7.46
N LEU A 692 4.54 13.98 8.54
CA LEU A 692 5.23 13.57 9.75
C LEU A 692 5.64 12.10 9.75
N ALA A 693 4.98 11.26 8.96
CA ALA A 693 5.27 9.84 9.01
C ALA A 693 4.67 9.13 7.81
N VAL A 694 5.32 8.06 7.39
CA VAL A 694 4.81 7.17 6.35
C VAL A 694 5.22 5.74 6.71
N VAL A 695 4.24 4.86 6.82
CA VAL A 695 4.48 3.47 7.21
C VAL A 695 4.00 2.57 6.08
N ASP A 696 4.91 1.73 5.58
CA ASP A 696 4.58 0.74 4.55
C ASP A 696 4.01 -0.48 5.27
N ARG A 697 2.70 -0.65 5.19
CA ARG A 697 2.01 -1.77 5.83
C ARG A 697 1.56 -2.81 4.80
N ARG A 698 2.36 -3.02 3.75
CA ARG A 698 2.00 -3.98 2.72
C ARG A 698 2.31 -5.42 3.14
N PHE A 699 3.13 -5.62 4.15
CA PHE A 699 3.42 -6.95 4.68
C PHE A 699 3.91 -7.88 3.58
N ILE A 700 4.99 -7.45 2.92
CA ILE A 700 5.61 -8.24 1.86
C ILE A 700 6.69 -9.09 2.52
N PHE A 701 6.29 -10.28 2.95
CA PHE A 701 7.21 -11.24 3.56
C PHE A 701 6.76 -12.64 3.14
N PRO A 702 7.70 -13.54 2.85
CA PRO A 702 7.30 -14.88 2.39
C PRO A 702 6.57 -15.65 3.48
N GLU A 703 5.96 -16.77 3.06
CA GLU A 703 5.10 -17.55 3.94
C GLU A 703 5.87 -18.76 4.47
N PRO A 704 5.96 -18.97 5.79
CA PRO A 704 6.77 -20.06 6.34
C PRO A 704 6.40 -21.44 5.79
N THR A 722 11.50 0.42 26.44
CA THR A 722 12.49 -0.41 25.76
C THR A 722 13.84 -0.35 26.48
N GLU A 723 14.00 -1.19 27.50
CA GLU A 723 15.28 -1.31 28.19
C GLU A 723 16.29 -2.10 27.37
N ASN A 724 15.79 -2.99 26.51
CA ASN A 724 16.66 -3.80 25.66
C ASN A 724 17.55 -2.92 24.80
N VAL A 725 16.97 -1.91 24.15
CA VAL A 725 17.72 -1.08 23.21
C VAL A 725 18.79 -0.28 23.96
N ALA A 726 18.45 0.26 25.13
CA ALA A 726 19.41 1.04 25.90
C ALA A 726 20.57 0.17 26.37
N GLU A 727 20.27 -0.99 26.95
CA GLU A 727 21.33 -1.88 27.41
C GLU A 727 22.22 -2.30 26.25
N ILE A 728 21.62 -2.66 25.11
CA ILE A 728 22.39 -3.12 23.96
C ILE A 728 23.27 -2.00 23.42
N SER A 729 22.74 -0.77 23.36
CA SER A 729 23.54 0.34 22.86
C SER A 729 24.73 0.61 23.79
N SER A 730 24.51 0.56 25.10
CA SER A 730 25.62 0.71 26.03
C SER A 730 26.67 -0.37 25.80
N ILE A 731 26.24 -1.61 25.57
CA ILE A 731 27.19 -2.70 25.32
C ILE A 731 28.00 -2.40 24.06
N ASN A 732 27.33 -1.95 23.00
CA ASN A 732 28.04 -1.60 21.77
C ASN A 732 29.08 -0.53 22.02
N PHE A 733 28.73 0.49 22.81
CA PHE A 733 29.69 1.54 23.11
C PHE A 733 30.89 0.98 23.87
N ARG A 734 30.64 0.13 24.86
CA ARG A 734 31.74 -0.43 25.62
C ARG A 734 32.65 -1.28 24.74
N ARG A 735 32.08 -1.98 23.76
CA ARG A 735 32.91 -2.75 22.83
C ARG A 735 33.70 -1.84 21.91
N LEU A 736 33.11 -0.73 21.48
CA LEU A 736 33.82 0.21 20.61
C LEU A 736 34.97 0.89 21.33
N ASN A 737 34.76 1.29 22.59
CA ASN A 737 35.83 1.88 23.38
C ASN A 737 37.01 0.93 23.55
N SER A 738 36.78 -0.38 23.40
CA SER A 738 37.82 -1.37 23.58
C SER A 738 38.65 -1.60 22.33
N GLY A 739 38.25 -1.04 21.19
CA GLY A 739 38.97 -1.24 19.95
C GLY A 739 38.60 -2.50 19.18
N ASN A 740 37.43 -3.08 19.46
CA ASN A 740 36.99 -4.29 18.77
C ASN A 740 36.17 -3.88 17.55
N ILE A 741 36.77 -4.00 16.37
CA ILE A 741 36.09 -3.68 15.13
C ILE A 741 34.85 -4.54 14.95
N ASN A 742 34.79 -5.70 15.59
CA ASN A 742 33.67 -6.61 15.46
C ASN A 742 32.34 -5.97 15.86
N VAL A 743 32.36 -4.76 16.44
CA VAL A 743 31.10 -4.11 16.79
C VAL A 743 30.39 -3.52 15.58
N LEU A 744 31.10 -3.33 14.47
CA LEU A 744 30.47 -2.86 13.24
C LEU A 744 30.32 -3.97 12.20
N LYS A 745 30.55 -5.22 12.59
CA LYS A 745 30.63 -6.33 11.66
C LYS A 745 29.29 -7.05 11.58
N GLY A 746 28.74 -7.15 10.37
CA GLY A 746 27.56 -7.93 10.11
C GLY A 746 26.25 -7.22 10.32
N ARG A 747 26.26 -5.93 10.68
CA ARG A 747 25.07 -5.23 11.12
C ARG A 747 24.53 -4.25 10.08
N GLY A 748 25.02 -4.34 8.85
CA GLY A 748 24.47 -3.53 7.78
C GLY A 748 25.13 -2.17 7.65
N VAL A 749 24.63 -1.40 6.71
CA VAL A 749 25.14 -0.07 6.42
C VAL A 749 24.49 0.94 7.34
N PHE A 750 25.19 2.04 7.62
CA PHE A 750 24.59 3.13 8.38
C PHE A 750 25.09 4.46 7.87
N SER A 751 24.15 5.37 7.61
CA SER A 751 24.44 6.77 7.31
C SER A 751 23.33 7.61 7.93
N SER A 752 23.49 8.93 7.82
CA SER A 752 22.50 9.86 8.32
C SER A 752 22.78 11.22 7.70
N ARG A 753 21.72 11.94 7.33
CA ARG A 753 21.83 13.27 6.76
C ARG A 753 21.51 14.35 7.79
N ARG A 754 21.87 14.10 9.05
CA ARG A 754 21.63 15.00 10.16
C ARG A 754 22.95 15.63 10.58
N LEU A 755 22.95 16.94 10.78
CA LEU A 755 24.16 17.71 11.05
C LEU A 755 24.19 18.10 12.52
N ARG A 756 25.16 17.53 13.26
CA ARG A 756 25.43 17.94 14.63
C ARG A 756 26.94 18.06 14.81
N GLU A 757 27.37 19.17 15.41
CA GLU A 757 28.79 19.36 15.65
C GLU A 757 29.36 18.23 16.51
N ILE A 758 30.61 17.88 16.24
CA ILE A 758 31.36 16.91 17.02
C ILE A 758 32.59 17.61 17.56
N TYR A 759 33.20 16.98 18.57
CA TYR A 759 34.36 17.60 19.21
C TYR A 759 35.57 17.62 18.29
N LEU A 760 35.64 16.70 17.33
CA LEU A 760 36.84 16.56 16.51
C LEU A 760 36.85 17.60 15.40
N ARG A 761 38.01 18.24 15.22
CA ARG A 761 38.26 19.13 14.09
C ARG A 761 39.24 18.44 13.15
N PHE A 762 38.91 18.39 11.87
CA PHE A 762 39.72 17.69 10.89
C PHE A 762 39.76 18.48 9.60
N ASP A 763 40.75 18.16 8.75
CA ASP A 763 40.89 18.84 7.48
C ASP A 763 39.99 18.18 6.44
N ALA A 764 39.14 18.96 5.77
CA ALA A 764 38.23 18.43 4.77
C ALA A 764 38.57 19.01 3.41
N ALA A 765 38.40 18.20 2.36
CA ALA A 765 38.71 18.62 1.01
C ALA A 765 37.66 18.09 0.05
N ASN A 766 37.40 18.86 -1.00
CA ASN A 766 36.44 18.51 -2.03
C ASN A 766 37.02 18.81 -3.40
N ALA A 767 36.84 17.87 -4.33
CA ALA A 767 37.29 18.05 -5.71
C ALA A 767 36.19 17.56 -6.63
N ASP A 768 35.61 18.47 -7.40
CA ASP A 768 34.44 18.17 -8.22
C ASP A 768 34.61 18.81 -9.58
N GLU A 769 34.14 18.10 -10.63
CA GLU A 769 34.12 18.68 -11.96
C GLU A 769 33.12 19.84 -12.07
N LEU A 770 32.29 20.05 -11.05
CA LEU A 770 31.54 21.29 -10.95
C LEU A 770 32.48 22.48 -10.73
N ARG A 771 33.63 22.23 -10.10
CA ARG A 771 34.69 23.22 -9.91
C ARG A 771 35.94 22.68 -10.60
N PRO A 772 36.09 22.90 -11.91
CA PRO A 772 37.21 22.27 -12.62
C PRO A 772 38.58 22.69 -12.11
N GLY A 773 38.70 23.86 -11.51
CA GLY A 773 39.96 24.36 -10.99
C GLY A 773 39.98 24.32 -9.46
N ASP A 774 41.14 23.99 -8.91
CA ASP A 774 41.37 24.10 -7.48
C ASP A 774 40.65 23.02 -6.68
N VAL A 775 41.19 22.69 -5.52
CA VAL A 775 40.60 21.71 -4.61
C VAL A 775 40.12 22.47 -3.38
N TYR A 776 38.82 22.49 -3.15
CA TYR A 776 38.27 23.21 -2.01
C TYR A 776 38.76 22.59 -0.71
N VAL A 777 39.06 23.44 0.27
CA VAL A 777 39.55 22.99 1.57
C VAL A 777 38.76 23.68 2.67
N LYS A 778 38.64 22.97 3.80
CA LYS A 778 37.93 23.47 4.98
C LYS A 778 38.67 22.99 6.22
N LYS A 779 39.08 23.93 7.07
CA LYS A 779 39.79 23.60 8.30
C LYS A 779 39.05 24.07 9.54
N THR A 780 37.78 24.46 9.41
CA THR A 780 36.94 24.78 10.55
C THR A 780 36.06 23.59 10.90
N LYS A 781 35.73 23.47 12.18
CA LYS A 781 34.87 22.37 12.61
C LYS A 781 33.51 22.47 11.94
N PHE A 782 32.91 21.32 11.65
CA PHE A 782 31.59 21.26 11.06
C PHE A 782 30.56 21.69 12.12
N ASP A 783 30.11 22.93 12.02
CA ASP A 783 29.17 23.47 13.00
C ASP A 783 27.76 22.98 12.70
N SER A 784 26.96 22.85 13.77
CA SER A 784 25.59 22.36 13.63
C SER A 784 24.77 23.29 12.74
N MET A 785 24.98 24.60 12.86
CA MET A 785 24.07 25.57 12.27
C MET A 785 24.02 25.44 10.75
N GLY A 786 25.15 25.18 10.11
CA GLY A 786 25.21 25.34 8.66
C GLY A 786 25.95 24.28 7.87
N TYR A 787 25.28 23.82 6.81
CA TYR A 787 25.92 23.08 5.74
C TYR A 787 27.05 23.87 5.10
N ASP A 788 27.84 23.19 4.27
CA ASP A 788 28.87 23.80 3.44
C ASP A 788 28.54 23.51 1.99
N SER A 789 28.44 24.56 1.18
CA SER A 789 27.98 24.42 -0.20
C SER A 789 28.81 23.40 -0.98
N HIS A 790 30.10 23.29 -0.67
CA HIS A 790 30.96 22.37 -1.42
C HIS A 790 30.78 20.93 -0.95
N PHE A 791 30.42 20.73 0.32
CA PHE A 791 30.09 19.41 0.85
C PHE A 791 28.59 19.19 0.85
N TYR A 792 27.94 19.51 -0.27
CA TYR A 792 26.51 19.34 -0.43
C TYR A 792 26.25 18.85 -1.85
N ASN A 793 25.00 18.47 -2.12
CA ASN A 793 24.63 17.95 -3.43
C ASN A 793 23.14 18.20 -3.62
N GLU A 794 22.79 19.24 -4.37
CA GLU A 794 21.40 19.62 -4.57
C GLU A 794 20.62 18.58 -5.38
N GLY A 795 21.29 17.60 -5.99
CA GLY A 795 20.62 16.63 -6.83
C GLY A 795 20.19 15.34 -6.16
N ILE A 796 20.60 15.12 -4.91
CA ILE A 796 20.24 13.89 -4.19
C ILE A 796 18.85 14.08 -3.60
N GLY A 797 17.83 13.62 -4.31
CA GLY A 797 16.51 13.52 -3.75
C GLY A 797 15.64 14.75 -3.88
N ILE A 798 14.86 15.02 -2.83
CA ILE A 798 13.83 16.06 -2.88
C ILE A 798 14.46 17.44 -2.92
N ASN A 799 15.42 17.70 -2.03
CA ASN A 799 16.08 19.00 -1.97
C ASN A 799 17.56 18.87 -1.62
N GLY A 800 18.20 17.80 -2.08
CA GLY A 800 19.61 17.61 -1.88
C GLY A 800 19.94 17.12 -0.49
N ALA A 801 21.21 16.76 -0.31
CA ALA A 801 21.69 16.18 0.94
C ALA A 801 23.14 16.58 1.12
N PRO A 802 23.68 16.45 2.34
CA PRO A 802 25.11 16.71 2.53
C PRO A 802 25.93 15.49 2.14
N THR A 803 26.99 15.73 1.35
CA THR A 803 27.93 14.68 0.98
C THR A 803 29.03 14.48 2.01
N LEU A 804 29.09 15.34 3.03
CA LEU A 804 29.98 15.14 4.16
C LEU A 804 29.29 15.78 5.36
N ASN A 805 29.06 14.99 6.41
CA ASN A 805 28.42 15.55 7.60
C ASN A 805 28.88 14.78 8.82
N THR A 806 28.58 15.35 9.98
CA THR A 806 28.99 14.80 11.26
C THR A 806 27.78 14.76 12.18
N TYR A 807 27.67 13.70 12.98
CA TYR A 807 26.59 13.63 13.95
C TYR A 807 27.05 12.79 15.14
N THR A 808 26.16 12.63 16.10
CA THR A 808 26.43 11.88 17.32
C THR A 808 25.67 10.57 17.27
N GLY A 809 26.22 9.57 17.96
CA GLY A 809 25.77 8.19 17.79
C GLY A 809 24.51 7.80 18.53
N GLU A 810 23.66 8.75 18.89
CA GLU A 810 22.37 8.39 19.46
C GLU A 810 21.39 7.93 18.39
N TYR A 811 21.57 8.40 17.16
CA TYR A 811 20.87 7.89 15.98
C TYR A 811 21.93 7.55 14.95
N VAL A 812 22.25 6.27 14.82
CA VAL A 812 23.32 5.85 13.91
C VAL A 812 22.85 5.88 12.47
N ALA A 813 21.58 5.56 12.22
CA ALA A 813 21.02 5.54 10.88
C ALA A 813 19.62 6.12 10.92
N ASP A 814 19.29 6.93 9.91
CA ASP A 814 17.96 7.50 9.78
C ASP A 814 17.30 6.97 8.50
N SER A 815 16.19 7.60 8.13
CA SER A 815 15.41 7.16 6.97
C SER A 815 16.14 7.32 5.64
N SER A 816 17.25 8.06 5.61
CA SER A 816 17.96 8.26 4.35
C SER A 816 18.87 7.10 3.98
N SER A 817 19.12 6.17 4.91
CA SER A 817 20.09 5.10 4.70
C SER A 817 19.41 3.92 4.03
N GLN A 818 19.83 3.60 2.80
CA GLN A 818 19.28 2.48 2.06
C GLN A 818 19.93 1.18 2.50
N GLY A 819 19.13 0.27 3.05
CA GLY A 819 19.64 -1.01 3.49
C GLY A 819 20.04 -1.08 4.94
N ALA A 820 19.97 0.02 5.67
CA ALA A 820 20.20 -0.04 7.10
C ALA A 820 19.15 -0.94 7.74
N THR A 821 19.57 -1.72 8.74
CA THR A 821 18.68 -2.66 9.39
C THR A 821 18.92 -2.64 10.89
N TYR A 822 20.14 -2.93 11.30
CA TYR A 822 20.48 -3.01 12.71
C TYR A 822 20.57 -1.62 13.34
N TRP A 823 21.18 -0.66 12.64
CA TRP A 823 21.39 0.66 13.21
C TRP A 823 20.16 1.54 13.13
N LEU A 824 19.04 1.02 12.62
CA LEU A 824 17.77 1.73 12.73
C LEU A 824 17.14 1.55 14.11
N LYS A 825 17.52 0.52 14.85
CA LYS A 825 16.97 0.24 16.16
C LYS A 825 17.94 0.50 17.30
N TYR A 826 19.16 -0.04 17.20
CA TYR A 826 20.18 0.17 18.21
C TYR A 826 21.13 1.30 17.78
N ASN A 827 22.09 1.61 18.64
CA ASN A 827 23.01 2.71 18.38
C ASN A 827 24.28 2.52 19.21
N LEU A 828 25.09 3.58 19.31
CA LEU A 828 26.32 3.54 20.09
C LEU A 828 26.38 4.69 21.10
N THR A 829 25.21 5.16 21.55
CA THR A 829 25.10 6.22 22.56
C THR A 829 25.62 7.57 22.07
N ASN A 830 25.28 8.64 22.79
CA ASN A 830 25.61 10.00 22.38
C ASN A 830 27.09 10.33 22.54
N GLU A 831 27.90 9.43 23.10
CA GLU A 831 29.32 9.69 23.29
C GLU A 831 30.17 9.22 22.11
N THR A 832 29.54 8.77 21.04
CA THR A 832 30.25 8.41 19.81
C THR A 832 29.97 9.46 18.74
N SER A 833 30.98 9.71 17.91
CA SER A 833 30.91 10.72 16.86
C SER A 833 31.09 10.04 15.51
N ILE A 834 30.12 10.25 14.62
CA ILE A 834 30.07 9.65 13.30
C ILE A 834 30.40 10.70 12.27
N ILE A 835 31.32 10.37 11.37
CA ILE A 835 31.63 11.19 10.20
C ILE A 835 31.14 10.44 8.98
N LYS A 836 30.05 10.91 8.37
CA LYS A 836 29.57 10.36 7.11
C LYS A 836 30.29 11.08 5.98
N VAL A 837 31.05 10.31 5.19
CA VAL A 837 31.84 10.84 4.08
C VAL A 837 31.36 10.14 2.82
N SER A 838 30.59 10.86 2.00
CA SER A 838 30.11 10.32 0.74
C SER A 838 30.95 10.86 -0.41
N ASN A 839 30.62 10.41 -1.63
CA ASN A 839 31.28 10.92 -2.82
C ASN A 839 30.57 12.18 -3.31
N SER A 840 31.32 13.01 -4.03
CA SER A 840 30.75 14.23 -4.57
C SER A 840 29.88 13.90 -5.79
N ALA A 841 29.06 14.86 -6.19
CA ALA A 841 28.18 14.65 -7.33
C ALA A 841 28.95 14.15 -8.54
N ARG A 842 30.15 14.67 -8.75
CA ARG A 842 31.01 14.25 -9.85
C ARG A 842 32.46 14.40 -9.40
N GLY A 843 32.83 13.71 -8.32
CA GLY A 843 34.15 13.91 -7.76
C GLY A 843 34.35 13.19 -6.45
N ALA A 844 35.16 13.79 -5.58
CA ALA A 844 35.60 13.15 -4.37
C ALA A 844 35.54 14.12 -3.20
N ASN A 845 35.30 13.55 -2.01
CA ASN A 845 35.51 14.24 -0.75
C ASN A 845 36.58 13.48 0.03
N GLY A 846 37.20 14.17 0.98
CA GLY A 846 38.24 13.55 1.78
C GLY A 846 38.39 14.25 3.11
N ILE A 847 38.85 13.50 4.11
CA ILE A 847 39.16 14.06 5.42
C ILE A 847 40.53 13.56 5.86
N LYS A 848 41.22 14.42 6.62
CA LYS A 848 42.50 14.13 7.25
C LYS A 848 42.35 14.35 8.75
N ILE A 849 42.76 13.35 9.52
CA ILE A 849 42.58 13.30 10.96
C ILE A 849 43.95 13.18 11.62
N ALA A 850 44.24 14.08 12.55
CA ALA A 850 45.42 13.93 13.40
C ALA A 850 45.18 12.83 14.41
N LEU A 851 45.97 11.75 14.34
CA LEU A 851 45.72 10.59 15.17
C LEU A 851 45.94 10.88 16.66
N GLU A 852 46.86 11.79 16.98
CA GLU A 852 47.08 12.16 18.37
C GLU A 852 45.97 13.04 18.94
N GLU A 853 45.01 13.45 18.12
CA GLU A 853 43.96 14.36 18.54
C GLU A 853 42.69 13.64 18.99
N ILE A 854 42.62 12.32 18.85
CA ILE A 854 41.47 11.56 19.34
C ILE A 854 41.64 11.35 20.84
N GLU A 855 40.52 11.38 21.56
CA GLU A 855 40.52 11.36 23.02
C GLU A 855 39.82 10.12 23.53
N GLU A 856 40.32 9.59 24.66
CA GLU A 856 39.70 8.42 25.27
C GLU A 856 38.26 8.71 25.60
N ASN A 857 37.40 7.70 25.43
CA ASN A 857 35.97 7.76 25.70
C ASN A 857 35.23 8.63 24.70
N LYS A 858 35.91 9.14 23.68
CA LYS A 858 35.29 9.87 22.58
C LYS A 858 35.70 9.23 21.25
N PRO A 859 35.33 7.98 21.03
CA PRO A 859 35.79 7.30 19.81
C PRO A 859 35.15 7.91 18.58
N VAL A 860 35.82 7.74 17.45
CA VAL A 860 35.36 8.28 16.18
C VAL A 860 35.09 7.14 15.22
N VAL A 861 33.96 7.21 14.51
CA VAL A 861 33.60 6.21 13.52
C VAL A 861 33.37 6.92 12.19
N ILE A 862 34.08 6.49 11.16
CA ILE A 862 33.94 7.02 9.82
C ILE A 862 33.15 6.02 8.99
N THR A 863 32.07 6.50 8.35
CA THR A 863 31.20 5.67 7.55
C THR A 863 31.10 6.22 6.13
N SER A 864 31.02 5.31 5.16
CA SER A 864 30.97 5.66 3.75
C SER A 864 29.56 5.63 3.17
N GLY A 865 28.61 5.02 3.88
CA GLY A 865 27.27 4.88 3.37
C GLY A 865 27.12 3.63 2.52
N THR A 866 26.03 3.62 1.75
CA THR A 866 25.71 2.49 0.89
C THR A 866 26.46 2.61 -0.42
N LEU A 867 27.31 1.63 -0.72
CA LEU A 867 28.21 1.71 -1.86
C LEU A 867 27.58 1.04 -3.08
N THR A 868 27.43 1.81 -4.15
CA THR A 868 26.76 1.34 -5.37
C THR A 868 27.66 1.54 -6.60
N GLY A 869 28.97 1.55 -6.39
CA GLY A 869 29.90 1.73 -7.49
C GLY A 869 30.97 2.75 -7.19
N SER A 870 30.80 3.49 -6.10
CA SER A 870 31.78 4.48 -5.68
C SER A 870 33.04 3.78 -5.16
N THR A 871 34.06 4.59 -4.86
CA THR A 871 35.33 4.06 -4.38
C THR A 871 35.70 4.74 -3.07
N VAL A 872 36.13 3.93 -2.10
CA VAL A 872 36.54 4.42 -0.78
C VAL A 872 38.00 4.04 -0.55
N VAL A 873 38.74 4.95 0.06
CA VAL A 873 40.16 4.78 0.29
C VAL A 873 40.44 5.18 1.74
N PHE A 874 41.01 4.26 2.51
CA PHE A 874 41.54 4.56 3.83
C PHE A 874 43.06 4.48 3.75
N ALA A 875 43.76 5.41 4.38
CA ALA A 875 45.21 5.39 4.29
C ALA A 875 45.81 6.09 5.49
N ARG A 876 47.09 5.79 5.74
CA ARG A 876 47.83 6.40 6.84
C ARG A 876 49.12 7.02 6.34
N LYS A 877 49.41 8.24 6.80
CA LYS A 877 50.72 8.85 6.62
C LYS A 877 51.11 9.50 7.94
N GLY A 878 52.19 9.01 8.54
CA GLY A 878 52.63 9.52 9.83
C GLY A 878 51.51 9.47 10.84
N GLU A 879 51.43 10.51 11.68
CA GLU A 879 50.36 10.63 12.66
C GLU A 879 49.08 11.20 12.04
N TYR A 880 48.78 10.87 10.79
CA TYR A 880 47.58 11.36 10.13
C TYR A 880 46.91 10.23 9.37
N PHE A 881 45.58 10.23 9.41
CA PHE A 881 44.76 9.23 8.76
C PHE A 881 43.85 9.91 7.75
N TYR A 882 43.87 9.43 6.51
CA TYR A 882 43.12 10.03 5.42
C TYR A 882 42.03 9.08 4.97
N ALA A 883 40.84 9.63 4.70
CA ALA A 883 39.72 8.85 4.19
C ALA A 883 39.09 9.61 3.04
N VAL A 884 39.09 9.01 1.84
CA VAL A 884 38.65 9.68 0.62
C VAL A 884 37.59 8.82 -0.07
N HIS A 885 36.56 9.47 -0.59
CA HIS A 885 35.43 8.80 -1.23
C HIS A 885 35.16 9.51 -2.55
N THR A 886 35.38 8.81 -3.66
CA THR A 886 35.21 9.38 -4.99
C THR A 886 34.16 8.60 -5.78
N GLY A 887 33.53 9.29 -6.72
CA GLY A 887 32.51 8.67 -7.55
C GLY A 887 31.63 9.74 -8.20
N ASN A 888 30.41 9.33 -8.52
CA ASN A 888 29.45 10.21 -9.18
C ASN A 888 28.05 9.70 -8.91
N SER A 889 27.11 10.63 -8.81
CA SER A 889 25.70 10.31 -8.64
C SER A 889 24.87 10.61 -9.87
N GLU A 890 25.49 11.06 -10.96
CA GLU A 890 24.78 11.40 -12.17
C GLU A 890 24.61 10.20 -13.11
N SER A 891 24.84 8.99 -12.61
CA SER A 891 24.73 7.78 -13.41
C SER A 891 25.68 7.81 -14.60
N LEU A 892 26.84 8.42 -14.43
CA LEU A 892 27.84 8.48 -15.49
C LEU A 892 28.60 7.16 -15.57
N ILE A 893 28.93 6.75 -16.79
CA ILE A 893 29.67 5.52 -17.03
C ILE A 893 31.07 5.89 -17.48
N GLY A 894 32.07 5.24 -16.87
CA GLY A 894 33.46 5.56 -17.12
C GLY A 894 34.08 6.56 -16.16
N PHE A 895 33.26 7.29 -15.42
CA PHE A 895 33.77 8.39 -14.61
C PHE A 895 34.57 7.86 -13.41
N THR A 896 33.98 6.96 -12.64
CA THR A 896 34.56 6.59 -11.35
C THR A 896 35.86 5.81 -11.50
N SER A 897 35.99 5.01 -12.55
CA SER A 897 37.21 4.24 -12.78
C SER A 897 38.36 5.06 -13.36
N THR A 898 38.12 6.32 -13.74
CA THR A 898 39.17 7.13 -14.34
C THR A 898 39.20 8.55 -13.76
N SER A 899 38.21 9.37 -14.13
CA SER A 899 38.18 10.74 -13.64
C SER A 899 37.99 10.78 -12.13
N GLY A 900 37.21 9.86 -11.57
CA GLY A 900 37.09 9.76 -10.13
C GLY A 900 38.43 9.50 -9.47
N VAL A 901 39.26 8.67 -10.11
CA VAL A 901 40.61 8.43 -9.59
C VAL A 901 41.44 9.72 -9.63
N ALA A 902 41.30 10.50 -10.70
CA ALA A 902 42.02 11.78 -10.78
C ALA A 902 41.61 12.71 -9.65
N LYS A 903 40.31 12.80 -9.38
CA LYS A 903 39.84 13.66 -8.29
C LYS A 903 40.31 13.14 -6.95
N ALA A 904 40.31 11.81 -6.76
CA ALA A 904 40.78 11.24 -5.50
C ALA A 904 42.26 11.52 -5.29
N ILE A 905 43.06 11.46 -6.37
CA ILE A 905 44.48 11.73 -6.24
C ILE A 905 44.72 13.21 -5.96
N GLU A 906 43.96 14.09 -6.62
CA GLU A 906 44.08 15.51 -6.30
C GLU A 906 43.78 15.77 -4.83
N VAL A 907 42.72 15.15 -4.30
CA VAL A 907 42.38 15.35 -2.89
C VAL A 907 43.47 14.78 -1.99
N LEU A 908 43.94 13.56 -2.28
CA LEU A 908 44.98 12.95 -1.47
C LEU A 908 46.25 13.78 -1.46
N SER A 909 46.60 14.39 -2.60
CA SER A 909 47.81 15.20 -2.68
C SER A 909 47.63 16.51 -1.92
N SER A 910 46.44 17.09 -2.00
CA SER A 910 46.16 18.30 -1.22
C SER A 910 46.27 18.03 0.28
N LEU A 911 45.58 16.99 0.76
CA LEU A 911 45.57 16.73 2.20
C LEU A 911 46.96 16.36 2.70
N SER A 912 47.74 15.61 1.91
CA SER A 912 49.07 15.19 2.29
C SER A 912 50.14 16.21 1.90
N GLU A 913 49.77 17.48 1.72
CA GLU A 913 50.71 18.52 1.33
C GLU A 913 51.65 18.03 0.24
N LEU A 914 51.14 17.89 -0.98
CA LEU A 914 51.92 17.29 -2.06
C LEU A 914 51.50 17.90 -3.38
N GLU A 915 52.48 18.27 -4.20
CA GLU A 915 52.21 18.58 -5.59
C GLU A 915 51.95 17.29 -6.36
N VAL A 916 50.91 17.31 -7.19
CA VAL A 916 50.51 16.09 -7.91
C VAL A 916 51.73 15.53 -8.61
N PRO A 917 51.95 14.20 -8.56
CA PRO A 917 53.13 13.65 -9.24
C PRO A 917 52.86 13.37 -10.71
N ALA A 918 53.73 12.60 -11.35
CA ALA A 918 53.49 12.20 -12.72
C ALA A 918 52.25 11.30 -12.82
N LEU A 919 51.39 11.58 -13.78
CA LEU A 919 50.18 10.80 -14.01
C LEU A 919 50.12 10.42 -15.49
N PRO A 920 49.84 9.15 -15.82
CA PRO A 920 49.81 8.76 -17.23
C PRO A 920 48.60 9.31 -17.97
N ASP A 921 48.48 8.99 -19.26
CA ASP A 921 47.33 9.45 -20.03
C ASP A 921 46.07 8.70 -19.62
N VAL A 922 46.18 7.41 -19.36
CA VAL A 922 45.06 6.58 -18.92
C VAL A 922 45.20 6.40 -17.42
N ILE A 923 44.51 7.24 -16.65
CA ILE A 923 44.47 7.13 -15.19
C ILE A 923 43.32 6.20 -14.84
N ASN A 924 43.63 5.05 -14.26
CA ASN A 924 42.62 4.07 -13.84
C ASN A 924 42.93 3.61 -12.42
N ASN A 925 42.12 2.66 -11.93
CA ASN A 925 42.29 2.18 -10.55
C ASN A 925 43.69 1.65 -10.30
N ASN A 926 44.35 1.13 -11.35
CA ASN A 926 45.71 0.61 -11.19
C ASN A 926 46.67 1.73 -10.82
N THR A 927 46.56 2.89 -11.47
CA THR A 927 47.41 3.99 -11.09
C THR A 927 47.03 4.53 -9.71
N LEU A 928 45.79 4.33 -9.26
CA LEU A 928 45.47 4.62 -7.87
C LEU A 928 46.27 3.74 -6.94
N VAL A 929 46.33 2.43 -7.23
CA VAL A 929 47.15 1.53 -6.42
C VAL A 929 48.60 2.00 -6.42
N GLU A 930 49.13 2.35 -7.59
CA GLU A 930 50.52 2.77 -7.67
C GLU A 930 50.78 4.05 -6.88
N TYR A 931 49.88 5.04 -7.02
CA TYR A 931 50.06 6.31 -6.31
C TYR A 931 49.97 6.11 -4.80
N LEU A 932 49.04 5.27 -4.33
CA LEU A 932 48.95 5.03 -2.90
C LEU A 932 50.18 4.30 -2.39
N SER A 933 50.67 3.31 -3.13
CA SER A 933 51.91 2.64 -2.73
C SER A 933 53.08 3.60 -2.69
N ASP A 934 53.11 4.59 -3.58
CA ASP A 934 54.26 5.49 -3.66
C ASP A 934 54.22 6.56 -2.58
N ASN A 935 53.08 7.20 -2.37
CA ASN A 935 53.01 8.41 -1.55
C ASN A 935 52.28 8.20 -0.22
N PHE A 936 52.14 6.96 0.23
CA PHE A 936 51.47 6.72 1.51
C PHE A 936 52.06 5.48 2.17
N ASP A 937 51.91 5.42 3.49
CA ASP A 937 52.46 4.31 4.27
C ASP A 937 51.70 3.02 4.00
N SER A 938 50.40 3.02 4.28
CA SER A 938 49.54 1.87 4.05
C SER A 938 48.16 2.36 3.65
N ALA A 939 47.45 1.53 2.89
CA ALA A 939 46.16 1.93 2.36
C ALA A 939 45.28 0.74 2.04
N LEU A 940 43.97 0.97 2.12
CA LEU A 940 42.92 0.05 1.71
C LEU A 940 42.07 0.73 0.66
N ILE A 941 41.80 0.02 -0.43
CA ILE A 941 40.93 0.49 -1.50
C ILE A 941 39.73 -0.45 -1.58
N SER A 942 38.53 0.09 -1.44
CA SER A 942 37.29 -0.66 -1.62
C SER A 942 36.56 -0.11 -2.85
N TYR A 943 36.37 -0.96 -3.86
CA TYR A 943 35.95 -0.50 -5.17
C TYR A 943 34.99 -1.51 -5.80
N SER A 944 34.47 -1.14 -6.97
CA SER A 944 33.49 -1.94 -7.72
C SER A 944 34.09 -2.26 -9.09
N SER A 945 34.54 -3.49 -9.28
CA SER A 945 35.17 -3.91 -10.52
C SER A 945 34.19 -4.68 -11.39
N SER A 946 34.34 -4.50 -12.70
CA SER A 946 33.57 -5.26 -13.69
C SER A 946 34.44 -5.45 -14.91
N SER A 947 34.53 -6.70 -15.37
CA SER A 947 35.35 -6.99 -16.56
C SER A 947 34.88 -6.21 -17.78
N LEU A 948 33.61 -5.77 -17.80
CA LEU A 948 33.12 -4.96 -18.90
C LEU A 948 33.60 -3.53 -18.84
N LYS A 949 34.08 -3.07 -17.67
CA LYS A 949 34.76 -1.79 -17.53
C LYS A 949 36.22 -2.09 -17.25
N PRO A 950 37.06 -2.27 -18.28
CA PRO A 950 38.45 -2.71 -18.02
C PRO A 950 39.23 -1.78 -17.12
N ASN A 951 38.97 -0.47 -17.16
CA ASN A 951 39.71 0.46 -16.32
C ASN A 951 39.47 0.17 -14.85
N SER A 952 38.29 -0.34 -14.50
CA SER A 952 37.97 -0.58 -13.09
C SER A 952 38.72 -1.79 -12.53
N MET A 953 39.15 -2.70 -13.39
CA MET A 953 39.83 -3.91 -12.92
C MET A 953 41.23 -3.57 -12.44
N ILE A 954 41.63 -4.20 -11.34
CA ILE A 954 42.97 -4.03 -10.77
C ILE A 954 43.74 -5.33 -11.03
N ASN A 955 44.80 -5.22 -11.83
CA ASN A 955 45.65 -6.36 -12.17
C ASN A 955 47.03 -6.27 -11.51
N ILE A 956 47.30 -5.17 -10.80
CA ILE A 956 48.57 -4.99 -10.11
C ILE A 956 48.33 -5.09 -8.61
N SER A 957 49.39 -5.39 -7.88
CA SER A 957 49.33 -5.45 -6.43
C SER A 957 50.60 -4.87 -5.84
N ARG A 958 50.44 -4.24 -4.68
CA ARG A 958 51.54 -3.72 -3.88
C ARG A 958 51.33 -4.15 -2.44
N GLU A 959 52.43 -4.35 -1.72
CA GLU A 959 52.32 -4.86 -0.36
C GLU A 959 51.54 -3.91 0.54
N ASN A 960 51.95 -2.65 0.59
CA ASN A 960 51.32 -1.69 1.48
C ASN A 960 49.93 -1.25 1.01
N VAL A 961 49.36 -1.86 -0.04
CA VAL A 961 48.01 -1.55 -0.49
C VAL A 961 47.21 -2.84 -0.50
N SER A 962 46.08 -2.83 0.19
CA SER A 962 45.12 -3.93 0.15
C SER A 962 43.91 -3.51 -0.68
N THR A 963 43.38 -4.46 -1.43
CA THR A 963 42.26 -4.22 -2.34
C THR A 963 41.06 -5.08 -1.93
N PHE A 964 39.87 -4.51 -2.10
CA PHE A 964 38.62 -5.22 -1.79
C PHE A 964 37.57 -4.79 -2.80
N SER A 965 37.11 -5.73 -3.62
CA SER A 965 36.07 -5.48 -4.60
C SER A 965 34.73 -5.86 -3.99
N TYR A 966 33.97 -4.85 -3.57
CA TYR A 966 32.68 -5.10 -2.93
C TYR A 966 31.57 -5.40 -3.93
N TYR A 967 31.82 -5.24 -5.23
CA TYR A 967 30.89 -5.66 -6.25
C TYR A 967 31.66 -6.31 -7.39
N THR A 968 31.03 -7.30 -8.00
CA THR A 968 31.55 -7.93 -9.20
C THR A 968 30.37 -8.35 -10.06
N ASP A 969 30.67 -8.76 -11.30
CA ASP A 969 29.63 -9.29 -12.17
C ASP A 969 29.18 -10.67 -11.74
N ASP A 970 29.98 -11.36 -10.92
CA ASP A 970 29.60 -12.69 -10.44
C ASP A 970 28.36 -12.63 -9.58
N ILE A 971 28.22 -11.58 -8.76
CA ILE A 971 27.11 -11.51 -7.81
C ILE A 971 25.80 -11.51 -8.57
N GLN A 972 24.97 -12.54 -8.32
CA GLN A 972 23.72 -12.70 -9.04
C GLN A 972 22.64 -11.76 -8.50
N LEU A 973 22.51 -11.70 -7.19
CA LEU A 973 21.40 -10.99 -6.57
C LEU A 973 21.82 -9.56 -6.21
N PRO A 974 20.86 -8.69 -5.94
CA PRO A 974 21.22 -7.32 -5.53
C PRO A 974 22.20 -7.34 -4.37
N SER A 975 23.05 -6.33 -4.32
CA SER A 975 24.13 -6.30 -3.34
C SER A 975 24.56 -4.85 -3.15
N PHE A 976 25.33 -4.64 -2.09
CA PHE A 976 25.96 -3.33 -1.89
C PHE A 976 27.15 -3.51 -0.96
N GLY A 977 27.97 -2.46 -0.89
CA GLY A 977 29.19 -2.48 -0.12
C GLY A 977 29.16 -1.49 1.03
N THR A 978 30.11 -1.67 1.94
CA THR A 978 30.31 -0.77 3.07
C THR A 978 31.78 -0.74 3.41
N SER A 979 32.24 0.39 3.91
CA SER A 979 33.61 0.54 4.39
C SER A 979 33.58 1.51 5.55
N VAL A 980 34.10 1.08 6.70
CA VAL A 980 34.06 1.90 7.91
C VAL A 980 35.41 1.83 8.61
N THR A 981 35.66 2.84 9.44
CA THR A 981 36.87 2.87 10.25
C THR A 981 36.52 3.31 11.67
N ILE A 982 37.23 2.75 12.64
CA ILE A 982 37.13 3.17 14.03
C ILE A 982 38.49 3.73 14.46
N LEU A 983 38.45 4.87 15.15
CA LEU A 983 39.60 5.52 15.75
C LEU A 983 39.33 5.59 17.25
N VAL A 984 40.13 4.86 18.04
CA VAL A 984 39.92 4.73 19.48
C VAL A 984 41.21 5.10 20.19
N ARG A 985 41.09 5.77 21.34
CA ARG A 985 42.24 6.22 22.10
C ARG A 985 42.36 5.40 23.37
N THR A 986 43.57 4.89 23.64
CA THR A 986 43.84 4.12 24.85
C THR A 986 45.35 4.13 25.08
N ASN A 987 45.75 4.41 26.33
CA ASN A 987 47.15 4.36 26.73
C ASN A 987 48.00 5.32 25.90
N ASP A 988 47.49 6.55 25.72
CA ASP A 988 48.17 7.56 24.92
C ASP A 988 48.48 7.08 23.51
N ASN A 989 47.79 6.03 23.05
CA ASN A 989 47.98 5.49 21.72
C ASN A 989 46.64 5.40 21.01
N THR A 990 46.63 5.75 19.73
CA THR A 990 45.41 5.75 18.92
C THR A 990 45.41 4.51 18.03
N VAL A 991 44.47 3.61 18.29
CA VAL A 991 44.24 2.44 17.46
C VAL A 991 43.27 2.82 16.34
N VAL A 992 43.55 2.34 15.14
CA VAL A 992 42.73 2.61 13.96
C VAL A 992 42.50 1.30 13.23
N ARG A 993 41.24 0.97 12.99
CA ARG A 993 40.92 -0.29 12.32
C ARG A 993 39.84 -0.06 11.28
N SER A 994 40.04 -0.62 10.09
CA SER A 994 39.09 -0.48 9.00
C SER A 994 38.49 -1.83 8.64
N LEU A 995 37.22 -1.80 8.27
CA LEU A 995 36.48 -3.00 7.90
C LEU A 995 35.63 -2.66 6.68
N SER A 996 35.90 -3.35 5.57
CA SER A 996 35.04 -3.30 4.41
C SER A 996 34.30 -4.62 4.30
N GLU A 997 33.07 -4.56 3.79
CA GLU A 997 32.29 -5.76 3.60
C GLU A 997 31.30 -5.54 2.48
N SER A 998 30.84 -6.65 1.91
CA SER A 998 29.81 -6.62 0.88
C SER A 998 28.67 -7.52 1.32
N TYR A 999 27.46 -6.96 1.28
CA TYR A 999 26.23 -7.67 1.58
C TYR A 999 25.51 -8.03 0.28
N THR A 1000 24.88 -9.20 0.29
CA THR A 1000 24.11 -9.71 -0.84
C THR A 1000 22.77 -10.20 -0.33
N MET A 1001 21.76 -10.13 -1.20
CA MET A 1001 20.40 -10.46 -0.80
C MET A 1001 20.24 -11.97 -0.64
N ASN A 1002 19.78 -12.39 0.53
CA ASN A 1002 19.47 -13.80 0.78
C ASN A 1002 18.30 -14.22 -0.10
N SER A 1003 18.53 -15.23 -0.94
CA SER A 1003 17.53 -15.61 -1.94
C SER A 1003 16.20 -15.99 -1.32
N ASN A 1004 16.22 -16.62 -0.14
CA ASN A 1004 15.01 -17.21 0.42
C ASN A 1004 14.16 -16.23 1.20
N SER A 1005 14.75 -15.18 1.77
CA SER A 1005 14.00 -14.25 2.61
C SER A 1005 14.05 -12.80 2.14
N SER A 1006 14.82 -12.50 1.09
CA SER A 1006 14.94 -11.13 0.59
C SER A 1006 15.49 -10.19 1.67
N LYS A 1007 16.36 -10.72 2.52
CA LYS A 1007 17.08 -9.91 3.50
C LYS A 1007 18.57 -9.91 3.18
N MET A 1008 19.24 -8.83 3.52
CA MET A 1008 20.67 -8.71 3.27
C MET A 1008 21.45 -9.51 4.30
N VAL A 1009 22.45 -10.25 3.84
CA VAL A 1009 23.36 -10.98 4.70
C VAL A 1009 24.78 -10.69 4.25
N VAL A 1010 25.71 -10.65 5.21
CA VAL A 1010 27.10 -10.39 4.88
C VAL A 1010 27.61 -11.49 3.96
N PHE A 1011 28.26 -11.07 2.87
CA PHE A 1011 28.81 -11.98 1.88
C PHE A 1011 30.33 -12.02 1.90
N ASN A 1012 30.98 -10.86 2.06
CA ASN A 1012 32.43 -10.81 2.08
C ASN A 1012 32.89 -9.75 3.06
N VAL A 1013 34.08 -9.93 3.62
CA VAL A 1013 34.71 -8.93 4.47
C VAL A 1013 36.21 -8.89 4.24
N LEU A 1014 36.81 -7.72 4.48
CA LEU A 1014 38.25 -7.57 4.63
C LEU A 1014 38.51 -6.53 5.71
N GLN A 1015 39.41 -6.86 6.64
CA GLN A 1015 39.72 -6.01 7.78
C GLN A 1015 41.21 -5.69 7.76
N LYS A 1016 41.55 -4.42 8.01
CA LYS A 1016 42.95 -4.00 8.01
C LYS A 1016 43.21 -3.01 9.13
N ASP A 1017 44.34 -3.17 9.81
CA ASP A 1017 44.70 -2.36 10.95
C ASP A 1017 45.52 -1.14 10.52
N PHE A 1018 45.56 -0.14 11.39
CA PHE A 1018 46.38 1.05 11.18
C PHE A 1018 46.88 1.59 12.52
#